data_3Q3V
#
_entry.id   3Q3V
#
_cell.length_a   110.280
_cell.length_b   165.220
_cell.length_c   54.596
_cell.angle_alpha   90.00
_cell.angle_beta   90.00
_cell.angle_gamma   90.00
#
_symmetry.space_group_name_H-M   'P 21 21 2'
#
loop_
_entity.id
_entity.type
_entity.pdbx_description
1 polymer 'Phosphoglycerate kinase'
2 non-polymer 'POTASSIUM ION'
3 non-polymer 'FORMIC ACID'
4 non-polymer 'SULFATE ION'
5 non-polymer 'TRIETHYLENE GLYCOL'
6 water water
#
_entity_poly.entity_id   1
_entity_poly.type   'polypeptide(L)'
_entity_poly.pdbx_seq_one_letter_code
;SNA(MSE)SDIISIKDIDLAKKKVFIRCDFNVPQDDFLNITDDRRIRSAIPTIRYCLDNGCSVILASHLGRPKEISSKYS
LEPVAKRLARLLDKEIV(MSE)AKDVIGEDAKTKA(MSE)NLKAGEILLLENLRFEKGETKNDENLAKELAS(MSE)VQV
YINDAFGVCHRAHSSVEAITKFFDEKHKGAGFLLQKEIDFASNLIKHPARPFVAVVGGSKVSGKLQALTNLLPKVDKLII
GGG(MSE)AFTFLKALGYDIGNSLLEEELLEEANKILTKGKNLGVKIYLPVDVVAAPACSQDVP(MSE)KFVPAQEIPNG
W(MSE)GLDIGPASVRLFKEVISDAQTIWWNGP(MSE)GVFEIDKFSKGSIK(MSE)SHYISEGHATSVVGGGDTADVVA
RAGDADE(MSE)TFISTGGGASLELIEGKELPGVKALRSKENE
;
_entity_poly.pdbx_strand_id   A,B
#
# COMPACT_ATOMS: atom_id res chain seq x y z
N ASP A 6 -14.32 4.80 -8.24
CA ASP A 6 -15.01 6.11 -8.51
C ASP A 6 -14.13 7.34 -8.24
N ILE A 7 -13.42 7.33 -7.12
CA ILE A 7 -12.51 8.42 -6.77
C ILE A 7 -11.31 8.44 -7.71
N ILE A 8 -10.94 9.63 -8.17
CA ILE A 8 -9.82 9.79 -9.08
C ILE A 8 -8.54 9.62 -8.27
N SER A 9 -7.67 8.74 -8.72
CA SER A 9 -6.42 8.49 -8.04
C SER A 9 -5.30 9.29 -8.65
N ILE A 10 -4.33 9.64 -7.83
CA ILE A 10 -3.06 10.20 -8.30
C ILE A 10 -2.43 9.34 -9.41
N LYS A 11 -2.64 8.04 -9.35
CA LYS A 11 -2.03 7.11 -10.30
C LYS A 11 -2.55 7.25 -11.72
N ASP A 12 -3.75 7.82 -11.89
CA ASP A 12 -4.34 7.99 -13.22
C ASP A 12 -4.25 9.41 -13.75
N ILE A 13 -3.39 10.21 -13.15
CA ILE A 13 -3.13 11.58 -13.54
C ILE A 13 -1.74 11.68 -14.10
N ASP A 14 -1.58 12.28 -15.27
CA ASP A 14 -0.26 12.54 -15.82
C ASP A 14 0.24 13.79 -15.11
N LEU A 15 1.16 13.62 -14.16
CA LEU A 15 1.73 14.76 -13.46
C LEU A 15 3.24 14.87 -13.62
N ALA A 16 3.82 14.04 -14.48
CA ALA A 16 5.27 14.04 -14.65
C ALA A 16 5.71 15.44 -15.06
N LYS A 17 6.71 15.94 -14.33
CA LYS A 17 7.37 17.23 -14.60
C LYS A 17 6.48 18.46 -14.40
N LYS A 18 5.28 18.27 -13.85
CA LYS A 18 4.37 19.38 -13.60
C LYS A 18 4.57 19.97 -12.23
N LYS A 19 3.91 21.13 -12.01
CA LYS A 19 3.89 21.81 -10.74
C LYS A 19 2.61 21.36 -10.01
N VAL A 20 2.74 20.78 -8.82
CA VAL A 20 1.64 20.06 -8.16
C VAL A 20 1.40 20.64 -6.77
N PHE A 21 0.14 20.99 -6.52
CA PHE A 21 -0.35 21.38 -5.21
C PHE A 21 -0.76 20.11 -4.48
N ILE A 22 -0.14 19.84 -3.33
CA ILE A 22 -0.56 18.72 -2.49
C ILE A 22 -1.12 19.25 -1.17
N ARG A 23 -2.40 19.03 -0.96
CA ARG A 23 -3.01 19.38 0.30
C ARG A 23 -2.69 18.24 1.24
N CYS A 24 -1.92 18.56 2.26
CA CYS A 24 -1.43 17.57 3.20
C CYS A 24 -2.09 17.82 4.53
N ASP A 25 -2.01 16.86 5.43
CA ASP A 25 -2.48 17.06 6.79
C ASP A 25 -1.25 17.11 7.70
N PHE A 26 -0.73 18.33 7.94
CA PHE A 26 0.38 18.53 8.84
C PHE A 26 -0.08 19.14 10.18
N ASN A 27 -1.34 18.90 10.56
CA ASN A 27 -1.87 19.42 11.83
C ASN A 27 -1.35 18.60 13.02
N VAL A 28 -0.06 18.75 13.28
CA VAL A 28 0.62 17.95 14.27
C VAL A 28 0.49 18.60 15.67
N PRO A 29 0.52 17.79 16.74
CA PRO A 29 0.58 18.34 18.10
C PRO A 29 1.91 18.99 18.41
N GLN A 30 1.86 20.04 19.21
CA GLN A 30 3.07 20.76 19.61
C GLN A 30 3.03 21.00 21.13
N ASP A 31 4.19 21.18 21.72
CA ASP A 31 4.27 21.56 23.14
C ASP A 31 4.32 23.08 23.26
N ASP A 32 4.49 23.57 24.48
CA ASP A 32 4.41 25.00 24.75
C ASP A 32 5.59 25.80 24.17
N PHE A 33 6.65 25.09 23.76
CA PHE A 33 7.77 25.71 23.06
C PHE A 33 7.67 25.43 21.55
N LEU A 34 6.49 24.96 21.13
CA LEU A 34 6.16 24.74 19.72
C LEU A 34 6.99 23.66 19.04
N ASN A 35 7.72 22.86 19.82
CA ASN A 35 8.38 21.67 19.30
C ASN A 35 7.32 20.63 18.98
N ILE A 36 7.52 19.88 17.91
CA ILE A 36 6.56 18.85 17.50
C ILE A 36 6.70 17.61 18.37
N THR A 37 5.58 17.14 18.90
CA THR A 37 5.59 16.04 19.86
C THR A 37 5.08 14.74 19.26
N ASP A 38 4.57 14.80 18.04
CA ASP A 38 4.15 13.62 17.31
C ASP A 38 4.10 13.94 15.81
N ASP A 39 5.06 13.39 15.07
CA ASP A 39 5.23 13.71 13.66
C ASP A 39 4.63 12.70 12.67
N ARG A 40 3.83 11.77 13.17
CA ARG A 40 3.24 10.72 12.39
C ARG A 40 2.51 11.22 11.11
N ARG A 41 1.76 12.31 11.22
CA ARG A 41 1.09 12.87 10.05
C ARG A 41 2.08 13.36 9.00
N ILE A 42 3.20 13.91 9.43
CA ILE A 42 4.20 14.34 8.45
C ILE A 42 4.74 13.10 7.77
N ARG A 43 5.10 12.07 8.54
CA ARG A 43 5.57 10.82 7.96
C ARG A 43 4.55 10.18 7.00
N SER A 44 3.27 10.29 7.30
CA SER A 44 2.27 9.61 6.48
C SER A 44 2.08 10.30 5.15
N ALA A 45 2.46 11.58 5.09
CA ALA A 45 2.36 12.40 3.90
C ALA A 45 3.45 12.10 2.89
N ILE A 46 4.56 11.49 3.35
CA ILE A 46 5.76 11.38 2.53
C ILE A 46 5.60 10.59 1.23
N PRO A 47 4.88 9.45 1.23
CA PRO A 47 4.80 8.69 -0.03
C PRO A 47 4.17 9.45 -1.21
N THR A 48 3.13 10.24 -0.98
CA THR A 48 2.62 11.06 -2.06
C THR A 48 3.63 12.12 -2.53
N ILE A 49 4.23 12.82 -1.59
CA ILE A 49 5.24 13.83 -1.91
C ILE A 49 6.43 13.22 -2.68
N ARG A 50 6.92 12.10 -2.21
CA ARG A 50 8.04 11.44 -2.87
C ARG A 50 7.67 10.93 -4.24
N TYR A 51 6.43 10.49 -4.41
CA TYR A 51 5.99 10.02 -5.72
C TYR A 51 6.01 11.18 -6.73
N CYS A 52 5.62 12.37 -6.29
CA CYS A 52 5.65 13.49 -7.20
C CYS A 52 7.09 13.90 -7.51
N LEU A 53 7.94 13.93 -6.50
CA LEU A 53 9.32 14.38 -6.70
C LEU A 53 10.06 13.40 -7.61
N ASP A 54 9.80 12.10 -7.41
CA ASP A 54 10.34 11.05 -8.27
C ASP A 54 9.87 11.16 -9.73
N ASN A 55 8.70 11.77 -9.95
CA ASN A 55 8.23 12.00 -11.32
C ASN A 55 8.61 13.40 -11.85
N GLY A 56 9.62 14.03 -11.24
CA GLY A 56 10.20 15.26 -11.76
C GLY A 56 9.39 16.52 -11.48
N CYS A 57 8.43 16.46 -10.56
CA CYS A 57 7.57 17.59 -10.27
C CYS A 57 8.26 18.62 -9.38
N SER A 58 7.66 19.80 -9.36
CA SER A 58 7.86 20.75 -8.28
C SER A 58 6.59 20.65 -7.48
N VAL A 59 6.72 20.90 -6.18
CA VAL A 59 5.71 20.53 -5.25
C VAL A 59 5.40 21.72 -4.37
N ILE A 60 4.12 22.09 -4.33
CA ILE A 60 3.64 23.12 -3.41
C ILE A 60 2.77 22.42 -2.40
N LEU A 61 3.17 22.44 -1.14
CA LEU A 61 2.42 21.78 -0.08
C LEU A 61 1.62 22.79 0.71
N ALA A 62 0.46 22.38 1.19
CA ALA A 62 -0.40 23.26 1.99
C ALA A 62 -1.12 22.46 3.04
N SER A 63 -1.18 23.00 4.23
CA SER A 63 -1.86 22.42 5.35
C SER A 63 -2.30 23.50 6.29
N HIS A 64 -3.20 23.12 7.17
CA HIS A 64 -3.56 23.95 8.31
C HIS A 64 -2.78 23.44 9.52
N LEU A 65 -2.70 24.28 10.53
CA LEU A 65 -2.16 23.92 11.84
C LEU A 65 -3.04 24.59 12.90
N GLY A 66 -3.72 23.78 13.70
CA GLY A 66 -4.62 24.30 14.73
C GLY A 66 -5.81 25.05 14.14
N ARG A 67 -6.32 26.00 14.92
CA ARG A 67 -7.45 26.82 14.51
C ARG A 67 -7.16 28.25 14.87
N PRO A 68 -6.21 28.88 14.17
CA PRO A 68 -5.89 30.24 14.55
C PRO A 68 -7.07 31.18 14.37
N LYS A 69 -7.30 32.03 15.36
CA LYS A 69 -8.32 33.09 15.25
C LYS A 69 -7.76 34.19 14.37
N GLU A 70 -6.46 34.43 14.48
CA GLU A 70 -5.74 35.36 13.60
C GLU A 70 -4.25 34.99 13.47
N ILE A 71 -3.52 35.72 12.62
CA ILE A 71 -2.13 35.39 12.29
C ILE A 71 -1.17 35.64 13.46
N SER A 72 -0.39 34.61 13.79
CA SER A 72 0.70 34.71 14.77
C SER A 72 1.73 33.62 14.55
N SER A 73 2.95 33.88 14.99
CA SER A 73 4.05 32.90 14.89
C SER A 73 3.73 31.56 15.56
N LYS A 74 2.88 31.59 16.57
CA LYS A 74 2.43 30.38 17.27
C LYS A 74 1.90 29.29 16.34
N TYR A 75 1.20 29.70 15.29
CA TYR A 75 0.60 28.72 14.37
C TYR A 75 1.36 28.65 13.05
N SER A 76 2.61 29.12 13.04
CA SER A 76 3.44 29.03 11.85
C SER A 76 3.69 27.57 11.54
N LEU A 77 3.78 27.27 10.24
CA LEU A 77 4.13 25.91 9.80
C LEU A 77 5.67 25.68 9.78
N GLU A 78 6.46 26.67 10.23
CA GLU A 78 7.93 26.64 10.13
C GLU A 78 8.55 25.40 10.76
N PRO A 79 8.05 24.95 11.92
CA PRO A 79 8.51 23.71 12.53
C PRO A 79 8.09 22.47 11.75
N VAL A 80 6.94 22.52 11.08
CA VAL A 80 6.58 21.43 10.18
C VAL A 80 7.59 21.35 9.03
N ALA A 81 7.91 22.48 8.41
CA ALA A 81 8.94 22.52 7.38
C ALA A 81 10.26 21.93 7.84
N LYS A 82 10.73 22.31 9.05
CA LYS A 82 12.00 21.74 9.56
C LYS A 82 11.88 20.22 9.69
N ARG A 83 10.81 19.76 10.30
CA ARG A 83 10.68 18.33 10.53
C ARG A 83 10.60 17.53 9.22
N LEU A 84 9.80 18.04 8.27
CA LEU A 84 9.62 17.37 6.99
C LEU A 84 10.94 17.33 6.24
N ALA A 85 11.76 18.38 6.34
CA ALA A 85 13.05 18.42 5.66
C ALA A 85 13.99 17.30 6.15
N ARG A 86 13.98 17.04 7.45
CA ARG A 86 14.78 15.95 7.99
C ARG A 86 14.22 14.61 7.54
N LEU A 87 12.90 14.44 7.62
CA LEU A 87 12.28 13.16 7.26
C LEU A 87 12.44 12.83 5.77
N LEU A 88 12.32 13.82 4.88
CA LEU A 88 12.53 13.61 3.43
C LEU A 88 14.00 13.60 3.02
N ASP A 89 14.84 14.13 3.91
CA ASP A 89 16.23 14.47 3.57
C ASP A 89 16.25 15.35 2.32
N LYS A 90 15.35 16.33 2.29
CA LYS A 90 15.27 17.30 1.20
C LYS A 90 15.07 18.68 1.78
N GLU A 91 15.48 19.69 1.05
CA GLU A 91 15.29 21.05 1.53
C GLU A 91 13.92 21.57 1.14
N ILE A 92 13.41 22.46 2.00
CA ILE A 92 12.08 23.06 1.88
C ILE A 92 12.18 24.58 1.85
N VAL A 93 11.50 25.19 0.89
CA VAL A 93 11.24 26.61 0.91
C VAL A 93 9.89 26.86 1.53
N ALA A 95 6.90 29.72 2.36
CA ALA A 95 6.31 31.02 2.03
C ALA A 95 5.95 31.75 3.32
N LYS A 96 6.13 33.07 3.33
CA LYS A 96 5.75 33.88 4.50
C LYS A 96 4.22 34.03 4.60
N ASP A 97 3.51 33.71 3.53
CA ASP A 97 2.05 33.82 3.51
C ASP A 97 1.42 32.70 2.66
N VAL A 98 0.14 32.83 2.32
CA VAL A 98 -0.62 31.69 1.83
C VAL A 98 -0.89 31.88 0.36
N ILE A 99 -1.49 33.01 0.02
CA ILE A 99 -1.66 33.40 -1.37
C ILE A 99 -1.16 34.84 -1.64
N GLY A 100 -0.52 35.48 -0.67
CA GLY A 100 0.05 36.84 -0.88
C GLY A 100 1.19 36.82 -1.90
N GLU A 101 1.98 37.88 -1.94
CA GLU A 101 3.00 38.04 -2.98
C GLU A 101 4.17 37.07 -2.82
N ASP A 102 4.51 36.78 -1.57
CA ASP A 102 5.64 35.94 -1.29
C ASP A 102 5.34 34.51 -1.76
N ALA A 103 4.17 33.97 -1.42
CA ALA A 103 3.77 32.62 -1.94
C ALA A 103 3.77 32.56 -3.46
N LYS A 104 3.14 33.55 -4.10
CA LYS A 104 3.00 33.53 -5.57
C LYS A 104 4.35 33.59 -6.26
N THR A 105 5.25 34.41 -5.71
CA THR A 105 6.57 34.59 -6.32
C THR A 105 7.37 33.30 -6.13
N LYS A 106 7.39 32.80 -4.89
CA LYS A 106 8.07 31.54 -4.61
C LYS A 106 7.51 30.40 -5.48
N ALA A 107 6.19 30.34 -5.63
CA ALA A 107 5.55 29.33 -6.48
C ALA A 107 6.04 29.42 -7.90
N ASN A 109 8.82 30.89 -8.99
CA ASN A 109 10.26 30.59 -9.04
C ASN A 109 10.59 29.13 -8.81
N LEU A 110 9.64 28.37 -8.24
CA LEU A 110 9.90 26.97 -7.84
C LEU A 110 10.43 26.11 -9.01
N LYS A 111 11.57 25.47 -8.80
CA LYS A 111 12.16 24.61 -9.82
C LYS A 111 11.83 23.14 -9.54
N ALA A 112 11.88 22.36 -10.62
CA ALA A 112 11.75 20.92 -10.58
C ALA A 112 12.56 20.37 -9.45
N GLY A 113 11.92 19.53 -8.61
CA GLY A 113 12.60 18.92 -7.50
C GLY A 113 12.54 19.72 -6.21
N GLU A 114 11.99 20.93 -6.27
CA GLU A 114 11.88 21.74 -5.09
C GLU A 114 10.52 21.57 -4.42
N ILE A 115 10.52 21.87 -3.13
CA ILE A 115 9.32 21.83 -2.30
C ILE A 115 9.01 23.19 -1.67
N LEU A 116 7.81 23.71 -1.93
CA LEU A 116 7.31 24.93 -1.28
C LEU A 116 6.21 24.57 -0.31
N LEU A 117 6.39 24.93 0.95
CA LEU A 117 5.33 24.84 1.96
C LEU A 117 4.73 26.22 2.17
N LEU A 118 3.46 26.34 1.86
CA LEU A 118 2.74 27.57 2.12
C LEU A 118 2.57 27.74 3.64
N GLU A 119 2.38 28.97 4.11
CA GLU A 119 2.01 29.17 5.51
C GLU A 119 0.64 28.56 5.76
N ASN A 120 0.34 28.37 7.04
CA ASN A 120 -0.94 27.94 7.53
C ASN A 120 -2.03 28.48 6.57
N LEU A 121 -2.75 27.56 5.95
CA LEU A 121 -3.98 27.81 5.20
C LEU A 121 -5.02 28.62 5.97
N ARG A 122 -5.21 28.28 7.24
CA ARG A 122 -6.19 28.95 8.05
C ARG A 122 -5.76 30.34 8.56
N PHE A 123 -4.64 30.86 8.05
CA PHE A 123 -4.36 32.29 8.21
C PHE A 123 -5.25 33.05 7.23
N GLU A 124 -5.78 32.35 6.23
CA GLU A 124 -6.76 32.93 5.32
C GLU A 124 -8.13 32.63 5.88
N LYS A 125 -8.88 33.68 6.24
CA LYS A 125 -10.21 33.49 6.86
C LYS A 125 -11.17 32.74 5.94
N GLY A 126 -10.95 32.76 4.64
CA GLY A 126 -11.84 32.09 3.69
C GLY A 126 -11.75 30.56 3.67
N GLU A 127 -10.62 30.02 4.14
CA GLU A 127 -10.36 28.57 4.09
C GLU A 127 -11.48 27.72 4.70
N THR A 128 -11.90 28.06 5.91
CA THR A 128 -12.94 27.31 6.62
C THR A 128 -14.36 27.70 6.17
N LYS A 129 -14.46 28.64 5.24
CA LYS A 129 -15.72 29.05 4.61
C LYS A 129 -15.83 28.59 3.15
N ASN A 130 -14.86 27.86 2.64
CA ASN A 130 -14.88 27.39 1.23
C ASN A 130 -14.96 28.56 0.25
N ASP A 131 -14.27 29.65 0.59
CA ASP A 131 -14.21 30.87 -0.20
C ASP A 131 -13.70 30.56 -1.60
N GLU A 132 -14.42 31.01 -2.61
CA GLU A 132 -14.05 30.69 -3.99
C GLU A 132 -12.83 31.52 -4.49
N ASN A 133 -12.67 32.77 -4.03
CA ASN A 133 -11.46 33.56 -4.41
C ASN A 133 -10.16 32.96 -3.85
N LEU A 134 -10.17 32.54 -2.58
CA LEU A 134 -9.04 31.80 -2.02
C LEU A 134 -8.71 30.59 -2.93
N ALA A 135 -9.71 29.74 -3.17
CA ALA A 135 -9.54 28.56 -4.02
C ALA A 135 -8.88 28.92 -5.35
N LYS A 136 -9.39 29.97 -5.99
CA LYS A 136 -8.88 30.39 -7.30
C LYS A 136 -7.42 30.79 -7.23
N GLU A 137 -7.08 31.61 -6.23
CA GLU A 137 -5.67 31.98 -5.99
C GLU A 137 -4.74 30.80 -5.66
N LEU A 138 -5.22 29.80 -4.90
CA LEU A 138 -4.41 28.62 -4.62
C LEU A 138 -4.17 27.86 -5.92
N ALA A 139 -5.23 27.72 -6.71
CA ALA A 139 -5.17 26.95 -7.97
C ALA A 139 -4.26 27.58 -9.02
N SER A 140 -4.15 28.91 -9.01
CA SER A 140 -3.39 29.62 -10.02
C SER A 140 -1.92 29.25 -9.99
N VAL A 142 -0.48 26.34 -9.62
CA VAL A 142 -0.14 24.98 -9.97
C VAL A 142 -0.89 24.50 -11.20
N GLN A 143 -0.49 23.35 -11.71
CA GLN A 143 -1.13 22.69 -12.84
C GLN A 143 -1.97 21.46 -12.46
N VAL A 144 -1.61 20.81 -11.34
CA VAL A 144 -2.28 19.61 -10.83
C VAL A 144 -2.61 19.76 -9.33
N TYR A 145 -3.79 19.31 -8.94
CA TYR A 145 -4.22 19.32 -7.55
C TYR A 145 -4.24 17.91 -6.99
N ILE A 146 -3.55 17.68 -5.88
CA ILE A 146 -3.62 16.42 -5.16
C ILE A 146 -4.12 16.66 -3.74
N ASN A 147 -5.14 15.91 -3.33
CA ASN A 147 -5.59 15.95 -1.94
C ASN A 147 -5.06 14.74 -1.23
N ASP A 148 -4.29 14.96 -0.17
CA ASP A 148 -3.85 13.86 0.66
C ASP A 148 -4.16 14.07 2.14
N ALA A 149 -5.26 14.79 2.41
CA ALA A 149 -5.59 15.26 3.75
C ALA A 149 -7.00 14.82 4.09
N PHE A 150 -7.18 13.51 4.28
CA PHE A 150 -8.45 12.95 4.70
C PHE A 150 -9.02 13.69 5.90
N GLY A 151 -8.14 14.11 6.80
CA GLY A 151 -8.51 14.78 8.04
C GLY A 151 -9.37 16.02 7.96
N VAL A 152 -9.44 16.68 6.80
CA VAL A 152 -10.29 17.84 6.62
C VAL A 152 -11.35 17.60 5.57
N CYS A 153 -11.41 16.38 5.02
CA CYS A 153 -12.28 16.09 3.89
C CYS A 153 -13.76 16.06 4.25
N HIS A 154 -14.05 16.01 5.55
CA HIS A 154 -15.43 16.05 6.06
C HIS A 154 -15.99 17.47 6.13
N ARG A 155 -15.14 18.46 5.84
CA ARG A 155 -15.57 19.85 5.84
C ARG A 155 -15.42 20.46 4.45
N ALA A 156 -16.35 21.34 4.10
CA ALA A 156 -16.26 22.11 2.86
C ALA A 156 -15.28 23.27 3.04
N HIS A 157 -13.98 23.00 2.93
CA HIS A 157 -12.93 24.00 3.06
C HIS A 157 -12.22 24.23 1.73
N SER A 158 -11.76 25.46 1.50
CA SER A 158 -11.34 25.88 0.15
C SER A 158 -10.33 24.95 -0.44
N SER A 159 -9.32 24.59 0.35
CA SER A 159 -8.17 23.77 -0.08
C SER A 159 -8.52 22.31 -0.34
N VAL A 160 -9.75 21.91 -0.05
CA VAL A 160 -10.17 20.56 -0.39
C VAL A 160 -11.47 20.49 -1.14
N GLU A 161 -12.15 21.62 -1.34
CA GLU A 161 -13.46 21.58 -1.94
C GLU A 161 -13.55 22.59 -3.09
N ALA A 162 -13.62 23.87 -2.79
CA ALA A 162 -13.72 24.91 -3.83
C ALA A 162 -12.52 24.85 -4.77
N ILE A 163 -11.32 24.53 -4.27
CA ILE A 163 -10.15 24.48 -5.15
C ILE A 163 -10.30 23.49 -6.32
N THR A 164 -11.06 22.41 -6.10
CA THR A 164 -11.21 21.36 -7.11
C THR A 164 -12.05 21.77 -8.31
N LYS A 165 -12.80 22.85 -8.18
CA LYS A 165 -13.54 23.40 -9.30
C LYS A 165 -12.62 24.08 -10.34
N PHE A 166 -11.34 24.27 -10.03
CA PHE A 166 -10.39 24.93 -10.95
C PHE A 166 -9.49 23.94 -11.69
N PHE A 167 -9.80 22.66 -11.58
CA PHE A 167 -9.07 21.60 -12.25
C PHE A 167 -10.08 20.63 -12.83
N ASP A 168 -9.79 20.11 -14.03
CA ASP A 168 -10.63 19.06 -14.63
C ASP A 168 -10.12 17.69 -14.15
N GLU A 169 -10.80 16.63 -14.55
CA GLU A 169 -10.55 15.30 -14.02
C GLU A 169 -9.19 14.71 -14.37
N LYS A 170 -8.47 15.32 -15.30
CA LYS A 170 -7.15 14.84 -15.64
C LYS A 170 -6.07 15.63 -14.88
N HIS A 171 -6.49 16.60 -14.06
CA HIS A 171 -5.55 17.43 -13.29
C HIS A 171 -5.85 17.50 -11.78
N LYS A 172 -6.67 16.57 -11.28
CA LYS A 172 -6.91 16.44 -9.85
C LYS A 172 -7.09 14.98 -9.43
N GLY A 173 -6.67 14.66 -8.23
CA GLY A 173 -6.87 13.33 -7.69
C GLY A 173 -6.54 13.20 -6.22
N ALA A 174 -6.74 11.99 -5.70
CA ALA A 174 -6.51 11.67 -4.30
C ALA A 174 -5.15 11.05 -4.13
N GLY A 175 -4.42 11.48 -3.12
CA GLY A 175 -3.12 10.87 -2.82
C GLY A 175 -3.22 9.48 -2.18
N PHE A 176 -2.08 8.92 -1.84
CA PHE A 176 -2.04 7.54 -1.40
C PHE A 176 -2.62 7.38 0.01
N LEU A 177 -2.37 8.36 0.87
CA LEU A 177 -2.88 8.35 2.23
C LEU A 177 -4.40 8.49 2.20
N LEU A 178 -4.90 9.44 1.41
CA LEU A 178 -6.34 9.65 1.33
C LEU A 178 -7.06 8.39 0.88
N GLN A 179 -6.50 7.73 -0.11
CA GLN A 179 -7.06 6.46 -0.58
C GLN A 179 -7.07 5.38 0.51
N LYS A 180 -5.99 5.28 1.27
CA LYS A 180 -5.96 4.31 2.37
C LYS A 180 -7.01 4.63 3.43
N GLU A 181 -7.06 5.87 3.88
CA GLU A 181 -8.06 6.28 4.89
C GLU A 181 -9.44 5.89 4.41
N ILE A 182 -9.73 6.13 3.14
CA ILE A 182 -11.04 5.83 2.58
C ILE A 182 -11.30 4.35 2.55
N ASP A 183 -10.33 3.59 2.06
CA ASP A 183 -10.47 2.13 1.92
C ASP A 183 -10.68 1.46 3.28
N PHE A 184 -9.95 1.87 4.30
CA PHE A 184 -10.04 1.21 5.60
C PHE A 184 -11.35 1.51 6.29
N ALA A 185 -11.76 2.78 6.26
CA ALA A 185 -13.00 3.22 6.88
C ALA A 185 -14.17 2.60 6.19
N SER A 186 -14.15 2.61 4.86
CA SER A 186 -15.27 2.11 4.05
C SER A 186 -15.50 0.64 4.21
N ASN A 187 -14.44 -0.17 4.20
CA ASN A 187 -14.52 -1.60 4.47
C ASN A 187 -15.37 -1.89 5.71
N LEU A 188 -15.12 -1.15 6.77
CA LEU A 188 -15.82 -1.37 8.01
C LEU A 188 -17.32 -1.24 7.87
N ILE A 189 -17.81 -0.37 7.00
CA ILE A 189 -19.26 -0.26 6.86
C ILE A 189 -19.77 -1.03 5.65
N LYS A 190 -18.90 -1.85 5.09
CA LYS A 190 -19.28 -2.71 4.01
C LYS A 190 -19.39 -4.20 4.18
N HIS A 191 -18.32 -4.93 4.02
CA HIS A 191 -18.33 -6.31 4.43
C HIS A 191 -17.06 -6.72 5.14
N PRO A 192 -16.92 -6.31 6.37
CA PRO A 192 -15.70 -6.68 7.11
C PRO A 192 -15.64 -8.15 7.46
N ALA A 193 -14.43 -8.68 7.66
CA ALA A 193 -14.29 -10.06 8.19
C ALA A 193 -14.93 -10.12 9.58
N ARG A 194 -15.63 -11.21 9.86
CA ARG A 194 -16.35 -11.38 11.12
C ARG A 194 -15.77 -12.49 11.98
N PRO A 195 -15.92 -12.42 13.32
CA PRO A 195 -16.65 -11.42 14.08
C PRO A 195 -16.09 -10.03 14.01
N PHE A 196 -16.98 -9.06 13.95
CA PHE A 196 -16.61 -7.68 13.83
C PHE A 196 -16.97 -7.00 15.16
N VAL A 197 -15.96 -6.48 15.85
CA VAL A 197 -16.15 -5.88 17.14
C VAL A 197 -15.81 -4.43 17.06
N ALA A 198 -16.76 -3.60 17.46
CA ALA A 198 -16.52 -2.20 17.65
C ALA A 198 -16.19 -1.97 19.12
N VAL A 199 -15.13 -1.21 19.36
CA VAL A 199 -14.74 -0.84 20.70
C VAL A 199 -14.79 0.64 20.72
N VAL A 200 -15.65 1.19 21.57
CA VAL A 200 -15.90 2.60 21.55
C VAL A 200 -15.73 3.20 22.95
N GLY A 201 -15.15 4.41 22.98
CA GLY A 201 -14.73 5.04 24.22
C GLY A 201 -14.77 6.54 24.17
N GLY A 202 -13.98 7.19 25.02
CA GLY A 202 -14.00 8.66 25.11
C GLY A 202 -15.02 9.02 26.16
N SER A 203 -15.17 10.31 26.44
CA SER A 203 -15.97 10.74 27.57
C SER A 203 -17.40 11.16 27.26
N LYS A 204 -17.76 11.28 25.97
CA LYS A 204 -19.09 11.78 25.59
C LYS A 204 -19.86 10.86 24.65
N VAL A 205 -21.12 10.55 24.98
CA VAL A 205 -21.99 9.78 24.12
C VAL A 205 -22.28 10.53 22.81
N SER A 206 -22.62 11.81 22.91
CA SER A 206 -22.96 12.61 21.74
C SER A 206 -21.84 12.59 20.70
N GLY A 207 -20.60 12.36 21.16
CA GLY A 207 -19.45 12.21 20.28
C GLY A 207 -19.60 11.05 19.29
N LYS A 208 -20.21 9.97 19.76
CA LYS A 208 -20.18 8.72 19.06
C LYS A 208 -21.58 8.22 18.65
N LEU A 209 -22.64 8.94 19.03
CA LEU A 209 -23.97 8.41 18.88
C LEU A 209 -24.32 8.00 17.45
N GLN A 210 -23.99 8.87 16.50
CA GLN A 210 -24.32 8.61 15.12
C GLN A 210 -23.47 7.46 14.55
N ALA A 211 -22.23 7.32 14.98
CA ALA A 211 -21.41 6.19 14.53
C ALA A 211 -22.03 4.91 15.03
N LEU A 212 -22.36 4.91 16.32
CA LEU A 212 -22.98 3.75 16.94
C LEU A 212 -24.28 3.37 16.22
N THR A 213 -25.11 4.37 15.93
CA THR A 213 -26.39 4.10 15.24
C THR A 213 -26.14 3.42 13.88
N ASN A 214 -25.18 3.91 13.10
CA ASN A 214 -24.87 3.29 11.79
C ASN A 214 -24.13 1.96 11.92
N LEU A 215 -23.28 1.77 12.93
CA LEU A 215 -22.54 0.51 13.07
C LEU A 215 -23.40 -0.64 13.63
N LEU A 216 -24.43 -0.28 14.37
CA LEU A 216 -25.19 -1.26 15.12
C LEU A 216 -25.66 -2.45 14.25
N PRO A 217 -26.28 -2.19 13.08
CA PRO A 217 -26.70 -3.33 12.26
C PRO A 217 -25.54 -4.05 11.56
N LYS A 218 -24.31 -3.60 11.77
CA LYS A 218 -23.14 -4.12 11.07
C LYS A 218 -22.24 -4.98 11.97
N VAL A 219 -22.20 -4.68 13.25
CA VAL A 219 -21.22 -5.32 14.13
C VAL A 219 -21.82 -6.57 14.77
N ASP A 220 -20.94 -7.46 15.18
CA ASP A 220 -21.31 -8.62 15.97
C ASP A 220 -21.29 -8.32 17.47
N LYS A 221 -20.41 -7.43 17.88
CA LYS A 221 -20.27 -7.06 19.29
C LYS A 221 -19.83 -5.64 19.38
N LEU A 222 -20.11 -5.04 20.52
CA LEU A 222 -19.81 -3.67 20.79
C LEU A 222 -19.34 -3.60 22.23
N ILE A 223 -18.14 -3.08 22.48
CA ILE A 223 -17.70 -2.77 23.82
C ILE A 223 -17.75 -1.27 23.95
N ILE A 224 -18.26 -0.81 25.08
CA ILE A 224 -18.38 0.63 25.36
C ILE A 224 -17.62 0.88 26.65
N GLY A 225 -16.57 1.68 26.56
CA GLY A 225 -15.85 2.15 27.71
C GLY A 225 -15.68 3.65 27.72
N GLY A 226 -14.67 4.14 28.44
CA GLY A 226 -14.52 5.58 28.61
C GLY A 226 -15.61 6.19 29.47
N GLY A 227 -15.52 7.50 29.71
CA GLY A 227 -16.53 8.24 30.46
C GLY A 227 -17.93 8.10 29.88
N ALA A 229 -19.43 5.51 28.91
CA ALA A 229 -20.10 4.33 29.49
C ALA A 229 -21.04 4.67 30.63
N PHE A 230 -20.71 5.67 31.44
CA PHE A 230 -21.55 5.98 32.58
C PHE A 230 -22.94 6.48 32.22
N THR A 231 -23.11 7.06 31.04
CA THR A 231 -24.47 7.42 30.63
C THR A 231 -25.26 6.14 30.32
N PHE A 232 -24.61 5.15 29.72
CA PHE A 232 -25.27 3.88 29.44
C PHE A 232 -25.60 3.14 30.74
N LEU A 233 -24.67 3.12 31.69
CA LEU A 233 -24.92 2.47 32.97
C LEU A 233 -26.03 3.17 33.73
N LYS A 234 -25.98 4.49 33.73
CA LYS A 234 -27.06 5.27 34.31
C LYS A 234 -28.39 4.98 33.61
N ALA A 235 -28.38 4.84 32.28
CA ALA A 235 -29.62 4.56 31.53
C ALA A 235 -30.21 3.23 31.95
N LEU A 236 -29.35 2.32 32.40
CA LEU A 236 -29.76 1.04 32.96
C LEU A 236 -30.11 1.07 34.47
N GLY A 237 -30.07 2.23 35.11
CA GLY A 237 -30.45 2.38 36.52
C GLY A 237 -29.29 2.29 37.53
N TYR A 238 -28.05 2.16 37.03
CA TYR A 238 -26.91 2.04 37.93
C TYR A 238 -26.65 3.40 38.60
N ASP A 239 -26.25 3.39 39.86
CA ASP A 239 -25.72 4.60 40.49
C ASP A 239 -24.31 4.83 39.93
N ILE A 240 -23.96 6.04 39.52
CA ILE A 240 -22.62 6.28 38.96
C ILE A 240 -21.80 7.31 39.73
N GLY A 241 -22.25 7.61 40.95
CA GLY A 241 -21.59 8.59 41.80
C GLY A 241 -21.43 9.91 41.09
N ASN A 242 -20.20 10.38 41.02
CA ASN A 242 -19.91 11.69 40.47
C ASN A 242 -19.31 11.62 39.07
N SER A 243 -19.44 10.46 38.42
CA SER A 243 -18.86 10.25 37.12
C SER A 243 -19.57 11.11 36.06
N LEU A 244 -18.89 11.26 34.92
CA LEU A 244 -19.45 12.00 33.77
C LEU A 244 -20.80 11.43 33.34
N LEU A 245 -21.74 12.32 33.02
CA LEU A 245 -23.08 11.94 32.63
C LEU A 245 -23.54 12.93 31.58
N GLU A 246 -24.09 12.46 30.46
CA GLU A 246 -24.88 13.36 29.61
C GLU A 246 -26.37 13.05 29.81
N GLU A 247 -26.96 13.70 30.83
CA GLU A 247 -28.36 13.50 31.22
C GLU A 247 -29.31 13.46 30.02
N GLU A 248 -29.05 14.38 29.11
CA GLU A 248 -29.89 14.58 27.93
C GLU A 248 -29.77 13.47 26.89
N LEU A 249 -28.85 12.51 27.09
CA LEU A 249 -28.68 11.42 26.13
C LEU A 249 -29.01 10.08 26.74
N LEU A 250 -29.62 10.09 27.92
CA LEU A 250 -29.99 8.87 28.59
C LEU A 250 -30.91 7.99 27.74
N GLU A 251 -31.87 8.63 27.10
CA GLU A 251 -32.87 7.92 26.32
C GLU A 251 -32.29 7.38 25.03
N GLU A 252 -31.40 8.15 24.41
CA GLU A 252 -30.68 7.69 23.21
C GLU A 252 -29.76 6.51 23.52
N ALA A 253 -29.14 6.54 24.69
CA ALA A 253 -28.27 5.45 25.10
C ALA A 253 -29.10 4.20 25.31
N ASN A 254 -30.21 4.36 26.02
CA ASN A 254 -31.13 3.23 26.16
C ASN A 254 -31.60 2.70 24.79
N LYS A 255 -31.85 3.59 23.84
CA LYS A 255 -32.26 3.13 22.50
C LYS A 255 -31.16 2.31 21.82
N ILE A 256 -29.90 2.71 21.99
CA ILE A 256 -28.78 1.93 21.40
C ILE A 256 -28.77 0.51 21.94
N LEU A 257 -28.94 0.40 23.25
CA LEU A 257 -28.89 -0.93 23.90
C LEU A 257 -30.07 -1.80 23.52
N THR A 258 -31.24 -1.18 23.41
CA THR A 258 -32.45 -1.89 23.04
C THR A 258 -32.38 -2.43 21.61
N LYS A 259 -32.02 -1.55 20.68
CA LYS A 259 -31.88 -1.96 19.30
C LYS A 259 -30.73 -2.92 19.14
N GLY A 260 -29.64 -2.69 19.86
CA GLY A 260 -28.53 -3.60 19.83
C GLY A 260 -28.98 -5.01 20.15
N LYS A 261 -29.75 -5.14 21.22
CA LYS A 261 -30.28 -6.44 21.61
C LYS A 261 -31.27 -7.00 20.59
N ASN A 262 -32.17 -6.17 20.06
CA ASN A 262 -33.08 -6.64 19.04
C ASN A 262 -32.34 -7.16 17.80
N LEU A 263 -31.21 -6.56 17.47
CA LEU A 263 -30.41 -6.98 16.33
C LEU A 263 -29.45 -8.15 16.66
N GLY A 264 -29.39 -8.60 17.90
CA GLY A 264 -28.50 -9.71 18.29
C GLY A 264 -27.03 -9.27 18.50
N VAL A 265 -26.77 -7.98 18.63
CA VAL A 265 -25.44 -7.52 18.95
C VAL A 265 -25.19 -7.78 20.41
N LYS A 266 -24.01 -8.35 20.70
CA LYS A 266 -23.50 -8.55 22.07
C LYS A 266 -22.82 -7.27 22.54
N ILE A 267 -23.43 -6.59 23.51
CA ILE A 267 -22.99 -5.30 23.98
C ILE A 267 -22.47 -5.47 25.39
N TYR A 268 -21.27 -4.98 25.61
CA TYR A 268 -20.57 -5.03 26.90
C TYR A 268 -20.24 -3.65 27.38
N LEU A 269 -20.59 -3.42 28.63
CA LEU A 269 -20.22 -2.26 29.41
C LEU A 269 -19.27 -2.65 30.55
N PRO A 270 -18.56 -1.68 31.10
CA PRO A 270 -17.70 -2.01 32.22
C PRO A 270 -18.50 -2.66 33.35
N VAL A 271 -17.96 -3.70 33.97
CA VAL A 271 -18.56 -4.28 35.17
C VAL A 271 -17.81 -3.84 36.43
N ASP A 272 -16.66 -3.19 36.27
CA ASP A 272 -15.93 -2.61 37.38
C ASP A 272 -15.15 -1.43 36.83
N VAL A 273 -14.78 -0.53 37.74
CA VAL A 273 -14.02 0.66 37.42
C VAL A 273 -12.95 0.93 38.46
N VAL A 274 -11.98 1.74 38.05
CA VAL A 274 -11.03 2.36 38.94
C VAL A 274 -11.71 3.64 39.38
N ALA A 275 -12.00 3.74 40.67
CA ALA A 275 -12.77 4.89 41.17
C ALA A 275 -11.87 5.73 42.05
N ALA A 276 -12.06 7.04 42.03
CA ALA A 276 -11.27 7.99 42.85
C ALA A 276 -12.13 9.22 43.21
N PRO A 277 -11.74 9.95 44.27
CA PRO A 277 -12.53 11.13 44.68
C PRO A 277 -12.33 12.32 43.76
N ALA A 278 -11.23 12.33 43.01
CA ALA A 278 -10.99 13.40 42.05
C ALA A 278 -10.21 12.83 40.91
N CYS A 279 -10.23 13.53 39.79
CA CYS A 279 -9.47 13.12 38.63
C CYS A 279 -8.04 13.72 38.72
N SER A 280 -7.19 13.05 39.52
CA SER A 280 -5.77 13.41 39.61
C SER A 280 -4.91 12.19 39.99
N GLN A 281 -3.65 12.22 39.57
CA GLN A 281 -2.61 11.28 40.01
C GLN A 281 -2.55 11.11 41.51
N ASP A 282 -2.83 12.18 42.23
CA ASP A 282 -2.33 12.32 43.59
C ASP A 282 -3.36 12.06 44.66
N VAL A 283 -4.46 11.42 44.28
CA VAL A 283 -5.51 11.03 45.24
C VAL A 283 -5.62 9.52 45.29
N PRO A 284 -6.31 8.98 46.31
CA PRO A 284 -6.43 7.52 46.39
C PRO A 284 -7.36 6.96 45.28
N LYS A 286 -9.57 3.12 44.08
CA LYS A 286 -10.07 1.79 44.45
C LYS A 286 -10.62 1.07 43.21
N PHE A 287 -10.42 -0.26 43.15
CA PHE A 287 -11.05 -1.09 42.16
C PHE A 287 -12.43 -1.42 42.71
N VAL A 288 -13.50 -0.98 42.07
CA VAL A 288 -14.84 -1.27 42.56
C VAL A 288 -15.75 -1.79 41.46
N PRO A 289 -16.75 -2.59 41.86
CA PRO A 289 -17.78 -2.94 40.92
C PRO A 289 -18.47 -1.69 40.46
N ALA A 290 -18.99 -1.77 39.24
CA ALA A 290 -19.74 -0.68 38.62
C ALA A 290 -20.98 -0.33 39.43
N GLN A 291 -21.58 -1.29 40.11
CA GLN A 291 -22.71 -1.05 41.00
C GLN A 291 -22.31 -0.39 42.33
N GLU A 292 -21.02 -0.13 42.58
CA GLU A 292 -20.55 0.32 43.93
C GLU A 292 -19.52 1.46 43.92
N ILE A 293 -19.62 2.37 42.96
CA ILE A 293 -18.79 3.57 43.03
C ILE A 293 -19.20 4.33 44.31
N PRO A 294 -18.25 4.59 45.22
CA PRO A 294 -18.61 5.30 46.44
C PRO A 294 -19.29 6.67 46.22
N ASN A 295 -20.12 7.07 47.17
CA ASN A 295 -20.74 8.39 47.14
C ASN A 295 -19.68 9.46 46.94
N GLY A 296 -19.91 10.35 45.97
CA GLY A 296 -19.01 11.46 45.72
C GLY A 296 -17.75 11.10 44.97
N TRP A 297 -17.59 9.85 44.58
CA TRP A 297 -16.38 9.43 43.89
C TRP A 297 -16.71 9.32 42.42
N GLY A 299 -15.69 7.33 38.47
CA GLY A 299 -15.06 6.26 37.74
C GLY A 299 -14.19 6.85 36.66
N LEU A 300 -12.91 6.48 36.65
CA LEU A 300 -11.96 7.12 35.74
C LEU A 300 -11.28 6.17 34.77
N ASP A 301 -11.44 4.86 34.95
CA ASP A 301 -10.92 3.86 34.04
C ASP A 301 -11.73 2.60 34.25
N ILE A 302 -11.74 1.72 33.25
CA ILE A 302 -12.26 0.37 33.44
C ILE A 302 -11.37 -0.39 34.41
N GLY A 303 -11.98 -1.28 35.22
CA GLY A 303 -11.24 -2.07 36.19
C GLY A 303 -10.69 -3.37 35.63
N PRO A 304 -9.96 -4.13 36.45
CA PRO A 304 -9.33 -5.36 35.95
C PRO A 304 -10.31 -6.47 35.50
N ALA A 305 -11.49 -6.55 36.09
CA ALA A 305 -12.48 -7.55 35.68
C ALA A 305 -12.96 -7.23 34.25
N SER A 306 -13.21 -5.94 34.01
CA SER A 306 -13.62 -5.46 32.72
C SER A 306 -12.58 -5.64 31.66
N VAL A 307 -11.33 -5.36 32.01
CA VAL A 307 -10.24 -5.60 31.09
C VAL A 307 -10.25 -7.06 30.65
N ARG A 308 -10.38 -7.94 31.63
CA ARG A 308 -10.35 -9.35 31.36
C ARG A 308 -11.55 -9.84 30.53
N LEU A 309 -12.75 -9.38 30.88
CA LEU A 309 -13.95 -9.67 30.10
C LEU A 309 -13.77 -9.21 28.65
N PHE A 310 -13.34 -7.96 28.47
CA PHE A 310 -13.14 -7.39 27.15
C PHE A 310 -12.15 -8.19 26.30
N LYS A 311 -11.08 -8.66 26.92
CA LYS A 311 -10.11 -9.51 26.28
C LYS A 311 -10.77 -10.70 25.68
N GLU A 312 -11.61 -11.35 26.48
CA GLU A 312 -12.36 -12.50 26.03
C GLU A 312 -13.34 -12.10 24.94
N VAL A 313 -13.97 -10.94 25.02
CA VAL A 313 -14.93 -10.51 24.00
C VAL A 313 -14.27 -10.38 22.62
N ILE A 314 -13.05 -9.87 22.58
CA ILE A 314 -12.41 -9.58 21.31
C ILE A 314 -11.58 -10.74 20.82
N SER A 315 -11.51 -11.82 21.60
CA SER A 315 -10.49 -12.83 21.33
C SER A 315 -10.68 -13.55 19.99
N ASP A 316 -11.93 -13.83 19.58
CA ASP A 316 -12.14 -14.45 18.25
C ASP A 316 -12.34 -13.42 17.09
N ALA A 317 -12.12 -12.12 17.33
CA ALA A 317 -12.46 -11.12 16.33
C ALA A 317 -11.58 -11.26 15.07
N GLN A 318 -12.19 -11.03 13.90
CA GLN A 318 -11.42 -10.90 12.69
C GLN A 318 -11.35 -9.44 12.25
N THR A 319 -12.22 -8.59 12.78
CA THR A 319 -12.13 -7.16 12.55
C THR A 319 -12.43 -6.44 13.85
N ILE A 320 -11.63 -5.42 14.15
CA ILE A 320 -11.89 -4.57 15.28
C ILE A 320 -11.71 -3.11 14.90
N TRP A 321 -12.69 -2.29 15.23
CA TRP A 321 -12.57 -0.83 15.05
C TRP A 321 -12.54 -0.29 16.44
N TRP A 322 -11.56 0.55 16.74
CA TRP A 322 -11.44 1.09 18.07
C TRP A 322 -11.31 2.58 17.97
N ASN A 323 -12.25 3.29 18.57
CA ASN A 323 -12.17 4.71 18.67
C ASN A 323 -12.60 5.13 20.08
N GLY A 324 -11.60 5.48 20.88
CA GLY A 324 -11.83 6.14 22.15
C GLY A 324 -11.16 5.39 23.29
N PRO A 325 -10.40 6.11 24.12
CA PRO A 325 -9.81 5.48 25.29
C PRO A 325 -10.84 4.93 26.29
N GLY A 327 -10.55 5.14 29.51
CA GLY A 327 -10.46 5.90 30.74
C GLY A 327 -9.60 7.14 30.51
N VAL A 328 -9.34 7.89 31.58
CA VAL A 328 -8.61 9.16 31.52
C VAL A 328 -7.12 8.87 31.41
N PHE A 329 -6.70 8.51 30.20
CA PHE A 329 -5.39 7.91 30.02
C PHE A 329 -4.22 8.92 30.09
N GLU A 330 -4.51 10.23 30.09
CA GLU A 330 -3.44 11.24 30.24
C GLU A 330 -2.87 11.21 31.66
N ILE A 331 -3.63 10.63 32.59
CA ILE A 331 -3.18 10.42 33.96
C ILE A 331 -2.81 8.96 34.12
N ASP A 332 -1.53 8.71 34.44
CA ASP A 332 -0.97 7.36 34.49
C ASP A 332 -1.84 6.35 35.22
N LYS A 333 -2.34 6.76 36.38
CA LYS A 333 -3.14 5.89 37.25
C LYS A 333 -4.46 5.42 36.58
N PHE A 334 -4.92 6.17 35.59
CA PHE A 334 -6.18 5.91 34.91
C PHE A 334 -5.99 5.51 33.43
N SER A 335 -4.81 4.99 33.11
CA SER A 335 -4.39 4.67 31.77
C SER A 335 -4.32 3.17 31.46
N LYS A 336 -4.31 2.34 32.48
CA LYS A 336 -4.02 0.93 32.32
C LYS A 336 -5.06 0.17 31.49
N GLY A 337 -6.32 0.53 31.59
CA GLY A 337 -7.37 -0.12 30.81
C GLY A 337 -7.22 0.14 29.34
N SER A 338 -6.87 1.37 28.97
CA SER A 338 -6.62 1.68 27.56
C SER A 338 -5.38 1.00 27.00
N ILE A 339 -4.30 1.06 27.78
CA ILE A 339 -3.05 0.42 27.44
C ILE A 339 -3.22 -1.08 27.23
N LYS A 340 -3.88 -1.78 28.16
CA LYS A 340 -4.10 -3.25 28.02
C LYS A 340 -4.97 -3.61 26.81
N SER A 342 -5.10 -1.80 24.09
CA SER A 342 -4.21 -1.66 22.97
C SER A 342 -3.40 -2.95 22.83
N HIS A 343 -2.87 -3.44 23.96
CA HIS A 343 -2.12 -4.68 23.90
C HIS A 343 -2.96 -5.80 23.36
N TYR A 344 -4.17 -5.97 23.86
CA TYR A 344 -4.97 -7.13 23.43
C TYR A 344 -5.41 -7.02 21.98
N ILE A 345 -5.74 -5.81 21.54
CA ILE A 345 -6.23 -5.62 20.19
C ILE A 345 -5.06 -5.85 19.24
N SER A 346 -3.92 -5.24 19.53
CA SER A 346 -2.73 -5.35 18.66
C SER A 346 -2.15 -6.74 18.58
N GLU A 347 -2.17 -7.47 19.70
N GLU A 347 -2.17 -7.47 19.70
CA GLU A 347 -1.56 -8.81 19.73
CA GLU A 347 -1.55 -8.79 19.74
C GLU A 347 -2.46 -9.90 19.15
C GLU A 347 -2.46 -9.91 19.19
N GLY A 348 -3.76 -9.63 19.03
CA GLY A 348 -4.67 -10.59 18.39
C GLY A 348 -4.51 -10.61 16.86
N HIS A 349 -5.32 -11.45 16.21
CA HIS A 349 -5.24 -11.59 14.77
C HIS A 349 -6.33 -10.84 13.94
N ALA A 350 -7.03 -9.89 14.55
CA ALA A 350 -7.98 -9.09 13.81
C ALA A 350 -7.27 -8.08 12.96
N THR A 351 -7.93 -7.73 11.86
CA THR A 351 -7.67 -6.48 11.18
C THR A 351 -8.19 -5.43 12.13
N SER A 352 -7.27 -4.57 12.58
CA SER A 352 -7.51 -3.62 13.62
C SER A 352 -7.37 -2.23 13.06
N VAL A 353 -8.41 -1.41 13.25
CA VAL A 353 -8.45 -0.08 12.73
C VAL A 353 -8.73 0.88 13.86
N VAL A 354 -7.78 1.76 14.15
CA VAL A 354 -7.91 2.78 15.18
C VAL A 354 -8.37 4.15 14.62
N GLY A 355 -9.21 4.81 15.38
CA GLY A 355 -9.71 6.13 15.03
C GLY A 355 -9.60 7.05 16.23
N GLY A 356 -9.39 8.32 15.95
CA GLY A 356 -9.34 9.33 16.98
C GLY A 356 -7.92 9.55 17.42
N GLY A 357 -7.57 10.80 17.60
CA GLY A 357 -6.23 11.21 18.03
C GLY A 357 -5.94 10.81 19.45
N ASP A 358 -6.93 10.84 20.33
CA ASP A 358 -6.75 10.31 21.68
C ASP A 358 -6.37 8.83 21.63
N THR A 359 -7.06 8.05 20.79
CA THR A 359 -6.80 6.60 20.68
C THR A 359 -5.46 6.32 20.06
N ALA A 360 -5.07 7.09 19.04
CA ALA A 360 -3.71 6.98 18.47
C ALA A 360 -2.67 7.27 19.53
N ASP A 361 -2.94 8.24 20.39
CA ASP A 361 -2.04 8.57 21.49
C ASP A 361 -1.90 7.41 22.50
N VAL A 362 -3.00 6.74 22.82
CA VAL A 362 -2.92 5.58 23.72
C VAL A 362 -2.06 4.50 23.10
N VAL A 363 -2.34 4.25 21.84
CA VAL A 363 -1.63 3.19 21.13
C VAL A 363 -0.13 3.52 21.05
N ALA A 364 0.21 4.81 20.96
CA ALA A 364 1.63 5.21 20.90
C ALA A 364 2.30 4.92 22.25
N ARG A 365 1.67 5.40 23.32
CA ARG A 365 2.17 5.21 24.69
C ARG A 365 2.28 3.72 25.08
N ALA A 366 1.39 2.91 24.51
CA ALA A 366 1.36 1.48 24.74
C ALA A 366 2.47 0.78 24.01
N GLY A 367 3.09 1.49 23.06
CA GLY A 367 4.15 0.92 22.23
C GLY A 367 3.66 -0.04 21.18
N ASP A 368 2.37 0.02 20.83
CA ASP A 368 1.76 -0.97 19.93
C ASP A 368 1.47 -0.44 18.50
N ALA A 369 1.77 0.82 18.23
CA ALA A 369 1.41 1.40 16.93
C ALA A 369 1.73 0.47 15.75
N ASP A 370 2.88 -0.17 15.78
CA ASP A 370 3.31 -1.05 14.66
C ASP A 370 2.58 -2.39 14.45
N GLU A 371 1.79 -2.83 15.42
N GLU A 371 1.84 -2.92 15.44
CA GLU A 371 1.05 -4.08 15.31
CA GLU A 371 1.05 -4.16 15.20
C GLU A 371 -0.44 -3.89 14.95
C GLU A 371 -0.46 -3.90 14.92
N THR A 373 -3.36 -2.81 12.32
CA THR A 373 -3.40 -2.82 10.88
C THR A 373 -3.38 -1.38 10.33
N PHE A 374 -4.13 -0.47 10.93
CA PHE A 374 -4.23 0.90 10.43
C PHE A 374 -4.69 1.84 11.54
N ILE A 375 -3.98 2.94 11.65
CA ILE A 375 -4.30 4.01 12.57
C ILE A 375 -4.65 5.26 11.75
N SER A 376 -5.89 5.71 11.87
CA SER A 376 -6.31 6.86 11.10
C SER A 376 -5.72 8.12 11.73
N THR A 377 -5.17 9.01 10.89
CA THR A 377 -4.61 10.27 11.36
C THR A 377 -5.54 11.40 10.97
N GLY A 378 -6.81 11.07 10.85
CA GLY A 378 -7.82 12.07 10.56
C GLY A 378 -8.99 11.96 11.53
N GLY A 379 -8.89 12.70 12.63
CA GLY A 379 -9.86 12.68 13.72
C GLY A 379 -11.31 12.46 13.41
N GLY A 380 -12.04 13.54 13.21
CA GLY A 380 -13.44 13.44 12.91
C GLY A 380 -13.86 12.96 11.55
N ALA A 381 -12.96 13.00 10.58
CA ALA A 381 -13.25 12.53 9.25
C ALA A 381 -13.60 11.04 9.19
N SER A 382 -12.84 10.19 9.87
CA SER A 382 -13.07 8.74 9.82
C SER A 382 -14.42 8.41 10.45
N LEU A 383 -14.73 9.12 11.53
CA LEU A 383 -16.00 8.98 12.20
C LEU A 383 -17.16 9.31 11.30
N GLU A 384 -17.08 10.43 10.59
CA GLU A 384 -18.20 10.86 9.73
C GLU A 384 -18.39 9.90 8.57
N LEU A 385 -17.30 9.27 8.12
CA LEU A 385 -17.42 8.20 7.14
C LEU A 385 -18.12 7.02 7.80
N ILE A 386 -17.66 6.61 8.98
CA ILE A 386 -18.26 5.46 9.68
C ILE A 386 -19.75 5.76 9.97
N GLU A 387 -20.08 7.04 10.16
CA GLU A 387 -21.46 7.45 10.35
C GLU A 387 -22.35 7.27 9.12
N GLY A 388 -21.75 7.07 7.95
CA GLY A 388 -22.52 6.94 6.69
C GLY A 388 -22.60 8.20 5.82
N LYS A 389 -21.94 9.28 6.23
CA LYS A 389 -21.96 10.56 5.49
C LYS A 389 -21.11 10.53 4.22
N GLU A 390 -21.50 11.30 3.20
CA GLU A 390 -20.62 11.54 2.05
C GLU A 390 -19.71 12.73 2.39
N LEU A 391 -18.40 12.55 2.35
CA LEU A 391 -17.49 13.61 2.75
C LEU A 391 -17.21 14.59 1.58
N PRO A 392 -17.42 15.90 1.80
CA PRO A 392 -17.31 16.84 0.65
C PRO A 392 -15.95 16.74 -0.09
N GLY A 393 -14.87 16.58 0.64
CA GLY A 393 -13.54 16.45 0.01
C GLY A 393 -13.42 15.21 -0.89
N VAL A 394 -14.09 14.12 -0.54
CA VAL A 394 -14.03 12.90 -1.33
C VAL A 394 -14.90 13.01 -2.57
N LYS A 395 -16.09 13.56 -2.36
CA LYS A 395 -17.07 13.82 -3.40
C LYS A 395 -16.46 14.68 -4.49
N ALA A 396 -15.71 15.69 -4.06
CA ALA A 396 -15.05 16.61 -4.95
C ALA A 396 -14.09 15.91 -5.92
N LEU A 397 -13.62 14.72 -5.55
CA LEU A 397 -12.67 13.96 -6.35
C LEU A 397 -13.29 12.75 -7.04
N ARG A 398 -14.62 12.64 -6.99
CA ARG A 398 -15.35 11.56 -7.65
C ARG A 398 -15.40 11.81 -9.15
N SER A 399 -15.13 10.77 -9.94
CA SER A 399 -15.18 10.92 -11.40
C SER A 399 -16.59 11.14 -11.92
N ILE B 7 25.78 -4.14 -24.56
CA ILE B 7 24.35 -4.17 -25.05
C ILE B 7 23.96 -2.85 -25.67
N ILE B 8 23.52 -2.90 -26.93
CA ILE B 8 23.17 -1.66 -27.65
C ILE B 8 21.92 -1.05 -27.03
N SER B 9 22.00 0.23 -26.72
CA SER B 9 20.91 0.94 -26.10
C SER B 9 20.18 1.78 -27.14
N ILE B 10 18.88 1.92 -26.95
CA ILE B 10 18.06 2.80 -27.77
C ILE B 10 18.68 4.21 -27.87
N LYS B 11 19.31 4.69 -26.80
CA LYS B 11 20.02 5.99 -26.80
C LYS B 11 21.20 6.06 -27.79
N ASP B 12 21.81 4.90 -28.08
CA ASP B 12 22.93 4.83 -29.04
C ASP B 12 22.48 4.79 -30.51
N ILE B 13 21.19 4.56 -30.74
CA ILE B 13 20.61 4.42 -32.09
C ILE B 13 19.99 5.74 -32.53
N ASP B 14 20.16 6.09 -33.80
CA ASP B 14 19.47 7.24 -34.37
C ASP B 14 18.12 6.77 -34.87
N LEU B 15 17.05 7.20 -34.22
CA LEU B 15 15.70 6.80 -34.63
C LEU B 15 14.78 7.98 -34.93
N ALA B 16 15.33 9.19 -35.01
CA ALA B 16 14.51 10.37 -35.30
C ALA B 16 13.79 10.14 -36.61
N LYS B 17 12.49 10.45 -36.62
CA LYS B 17 11.66 10.32 -37.81
C LYS B 17 11.63 8.91 -38.41
N LYS B 18 11.92 7.88 -37.60
CA LYS B 18 11.90 6.52 -38.13
C LYS B 18 10.61 5.75 -37.74
N LYS B 19 10.34 4.68 -38.46
CA LYS B 19 9.23 3.80 -38.17
C LYS B 19 9.81 2.69 -37.30
N VAL B 20 9.29 2.57 -36.07
CA VAL B 20 9.96 1.74 -35.05
C VAL B 20 9.04 0.65 -34.55
N PHE B 21 9.61 -0.55 -34.41
CA PHE B 21 8.95 -1.72 -33.81
C PHE B 21 9.47 -1.81 -32.38
N ILE B 22 8.54 -1.77 -31.43
CA ILE B 22 8.89 -1.93 -30.04
C ILE B 22 8.21 -3.20 -29.56
N ARG B 23 9.02 -4.18 -29.23
CA ARG B 23 8.55 -5.39 -28.56
C ARG B 23 8.38 -5.07 -27.06
N CYS B 24 7.14 -5.09 -26.63
CA CYS B 24 6.76 -4.74 -25.33
C CYS B 24 6.27 -5.98 -24.58
N ASP B 25 6.29 -5.88 -23.26
CA ASP B 25 5.67 -6.88 -22.38
C ASP B 25 4.33 -6.34 -21.90
N PHE B 26 3.27 -6.76 -22.58
CA PHE B 26 1.90 -6.43 -22.21
C PHE B 26 1.16 -7.68 -21.74
N ASN B 27 1.88 -8.67 -21.22
CA ASN B 27 1.26 -9.91 -20.73
C ASN B 27 0.67 -9.69 -19.34
N VAL B 28 -0.43 -8.95 -19.31
CA VAL B 28 -1.04 -8.47 -18.08
C VAL B 28 -2.06 -9.49 -17.57
N PRO B 29 -2.25 -9.53 -16.23
CA PRO B 29 -3.30 -10.41 -15.74
C PRO B 29 -4.65 -9.82 -16.00
N GLN B 30 -5.59 -10.71 -16.27
CA GLN B 30 -6.95 -10.38 -16.53
C GLN B 30 -7.90 -11.33 -15.82
N ASP B 31 -9.13 -10.89 -15.58
CA ASP B 31 -10.19 -11.80 -15.14
C ASP B 31 -10.92 -12.36 -16.34
N ASP B 32 -11.95 -13.18 -16.10
CA ASP B 32 -12.69 -13.86 -17.17
C ASP B 32 -13.57 -12.93 -17.98
N PHE B 33 -13.88 -11.75 -17.42
CA PHE B 33 -14.58 -10.69 -18.15
C PHE B 33 -13.61 -9.98 -19.08
N LEU B 34 -12.33 -10.37 -18.98
CA LEU B 34 -11.23 -9.82 -19.77
C LEU B 34 -10.80 -8.44 -19.25
N ASN B 35 -11.28 -8.04 -18.08
CA ASN B 35 -10.76 -6.84 -17.43
C ASN B 35 -9.28 -7.07 -17.11
N ILE B 36 -8.44 -6.05 -17.34
CA ILE B 36 -7.04 -6.08 -16.91
C ILE B 36 -7.06 -5.86 -15.40
N THR B 37 -6.37 -6.72 -14.63
CA THR B 37 -6.41 -6.58 -13.16
C THR B 37 -5.14 -5.94 -12.63
N ASP B 38 -4.09 -5.92 -13.44
CA ASP B 38 -2.87 -5.20 -13.07
C ASP B 38 -2.18 -4.68 -14.33
N ASP B 39 -2.11 -3.36 -14.47
CA ASP B 39 -1.65 -2.73 -15.71
C ASP B 39 -0.23 -2.20 -15.60
N ARG B 40 0.47 -2.65 -14.56
CA ARG B 40 1.79 -2.16 -14.28
C ARG B 40 2.76 -2.38 -15.48
N ARG B 41 2.64 -3.52 -16.12
CA ARG B 41 3.46 -3.79 -17.33
C ARG B 41 3.20 -2.72 -18.42
N ILE B 42 1.94 -2.32 -18.57
CA ILE B 42 1.59 -1.32 -19.58
C ILE B 42 2.19 0.03 -19.23
N ARG B 43 2.09 0.42 -17.97
CA ARG B 43 2.67 1.67 -17.50
C ARG B 43 4.19 1.68 -17.66
N SER B 44 4.82 0.55 -17.35
CA SER B 44 6.26 0.44 -17.43
C SER B 44 6.78 0.57 -18.85
N ALA B 45 5.94 0.28 -19.83
CA ALA B 45 6.35 0.33 -21.24
C ALA B 45 6.35 1.77 -21.77
N ILE B 46 5.66 2.67 -21.07
CA ILE B 46 5.40 4.00 -21.59
C ILE B 46 6.68 4.82 -21.81
N PRO B 47 7.65 4.80 -20.88
CA PRO B 47 8.81 5.63 -21.22
C PRO B 47 9.45 5.35 -22.62
N THR B 48 9.61 4.09 -22.99
CA THR B 48 10.29 3.80 -24.25
C THR B 48 9.42 4.31 -25.41
N ILE B 49 8.12 4.13 -25.30
CA ILE B 49 7.19 4.53 -26.34
C ILE B 49 7.22 6.05 -26.48
N ARG B 50 7.05 6.72 -25.37
CA ARG B 50 7.10 8.18 -25.27
C ARG B 50 8.36 8.77 -25.91
N TYR B 51 9.50 8.14 -25.65
CA TYR B 51 10.77 8.57 -26.25
C TYR B 51 10.75 8.49 -27.79
N CYS B 52 10.17 7.42 -28.32
CA CYS B 52 10.08 7.26 -29.76
C CYS B 52 9.16 8.33 -30.33
N LEU B 53 8.04 8.57 -29.65
CA LEU B 53 7.12 9.61 -30.09
C LEU B 53 7.77 10.99 -30.07
N ASP B 54 8.57 11.27 -29.04
CA ASP B 54 9.25 12.56 -28.89
C ASP B 54 10.35 12.73 -29.91
N ASN B 55 10.80 11.63 -30.51
CA ASN B 55 11.74 11.64 -31.62
C ASN B 55 11.08 11.62 -33.01
N GLY B 56 9.77 11.88 -33.07
CA GLY B 56 9.04 11.98 -34.34
C GLY B 56 8.78 10.65 -35.03
N CYS B 57 8.84 9.57 -34.28
CA CYS B 57 8.70 8.25 -34.89
C CYS B 57 7.23 7.94 -35.18
N SER B 58 7.03 7.00 -36.07
CA SER B 58 5.83 6.20 -36.02
C SER B 58 6.16 4.90 -35.29
N VAL B 59 5.19 4.39 -34.54
CA VAL B 59 5.45 3.34 -33.60
C VAL B 59 4.57 2.11 -33.81
N ILE B 60 5.22 0.98 -34.05
CA ILE B 60 4.52 -0.29 -34.09
C ILE B 60 4.87 -1.10 -32.82
N LEU B 61 3.83 -1.44 -32.06
CA LEU B 61 3.95 -2.20 -30.81
C LEU B 61 3.53 -3.64 -31.01
N ALA B 62 4.28 -4.56 -30.41
CA ALA B 62 3.94 -5.98 -30.47
C ALA B 62 4.17 -6.61 -29.11
N SER B 63 3.25 -7.47 -28.70
CA SER B 63 3.42 -8.20 -27.47
C SER B 63 2.65 -9.50 -27.60
N HIS B 64 2.84 -10.35 -26.63
CA HIS B 64 2.03 -11.54 -26.45
C HIS B 64 1.18 -11.31 -25.20
N LEU B 65 0.14 -12.13 -25.09
CA LEU B 65 -0.76 -12.17 -23.96
C LEU B 65 -1.07 -13.66 -23.76
N GLY B 66 -0.73 -14.22 -22.59
CA GLY B 66 -0.95 -15.66 -22.32
C GLY B 66 -0.21 -16.61 -23.25
N ARG B 67 -0.73 -17.83 -23.34
CA ARG B 67 -0.23 -18.85 -24.25
C ARG B 67 -1.33 -19.47 -25.09
N PRO B 68 -1.93 -18.67 -25.98
CA PRO B 68 -3.03 -19.18 -26.77
C PRO B 68 -2.60 -20.33 -27.69
N LYS B 69 -3.47 -21.31 -27.82
CA LYS B 69 -3.24 -22.45 -28.72
C LYS B 69 -3.71 -22.11 -30.10
N GLU B 70 -4.67 -21.19 -30.17
CA GLU B 70 -5.29 -20.79 -31.43
C GLU B 70 -5.60 -19.32 -31.38
N ILE B 71 -5.95 -18.74 -32.52
CA ILE B 71 -6.52 -17.39 -32.54
C ILE B 71 -7.77 -17.43 -31.66
N SER B 72 -7.88 -16.47 -30.74
CA SER B 72 -8.93 -16.49 -29.74
C SER B 72 -9.23 -15.11 -29.21
N SER B 73 -10.53 -14.82 -29.10
CA SER B 73 -11.00 -13.55 -28.58
C SER B 73 -10.54 -13.37 -27.15
N LYS B 74 -10.51 -14.45 -26.37
CA LYS B 74 -9.99 -14.36 -25.01
C LYS B 74 -8.61 -13.70 -24.92
N TYR B 75 -7.73 -13.98 -25.88
CA TYR B 75 -6.35 -13.50 -25.79
C TYR B 75 -6.01 -12.43 -26.79
N SER B 76 -7.02 -11.69 -27.23
CA SER B 76 -6.83 -10.48 -28.02
C SER B 76 -6.14 -9.41 -27.18
N LEU B 77 -5.28 -8.62 -27.80
CA LEU B 77 -4.65 -7.45 -27.13
C LEU B 77 -5.52 -6.19 -27.12
N GLU B 78 -6.73 -6.30 -27.66
CA GLU B 78 -7.60 -5.15 -27.72
C GLU B 78 -7.77 -4.47 -26.37
N PRO B 79 -8.04 -5.24 -25.28
CA PRO B 79 -8.11 -4.58 -23.97
C PRO B 79 -6.83 -3.86 -23.59
N VAL B 80 -5.68 -4.38 -24.01
CA VAL B 80 -4.41 -3.74 -23.75
C VAL B 80 -4.31 -2.42 -24.55
N ALA B 81 -4.72 -2.45 -25.82
CA ALA B 81 -4.80 -1.22 -26.59
C ALA B 81 -5.68 -0.17 -25.90
N LYS B 82 -6.83 -0.58 -25.39
CA LYS B 82 -7.73 0.33 -24.69
C LYS B 82 -7.08 0.93 -23.43
N ARG B 83 -6.38 0.12 -22.66
CA ARG B 83 -5.72 0.62 -21.47
C ARG B 83 -4.56 1.55 -21.84
N LEU B 84 -3.72 1.12 -22.79
CA LEU B 84 -2.59 1.93 -23.21
C LEU B 84 -3.06 3.29 -23.78
N ALA B 85 -4.16 3.27 -24.53
CA ALA B 85 -4.76 4.51 -25.05
C ALA B 85 -5.07 5.52 -23.95
N ARG B 86 -5.76 5.07 -22.92
CA ARG B 86 -6.08 5.95 -21.78
C ARG B 86 -4.84 6.38 -21.02
N LEU B 87 -3.85 5.51 -20.89
CA LEU B 87 -2.63 5.88 -20.17
C LEU B 87 -1.82 6.88 -20.98
N LEU B 88 -1.82 6.76 -22.31
CA LEU B 88 -1.05 7.70 -23.13
C LEU B 88 -1.82 8.97 -23.51
N ASP B 89 -3.11 9.00 -23.19
CA ASP B 89 -4.06 9.94 -23.80
C ASP B 89 -3.92 10.08 -25.32
N LYS B 90 -3.86 8.94 -26.00
CA LYS B 90 -3.79 8.88 -27.47
C LYS B 90 -4.51 7.63 -27.93
N GLU B 91 -5.20 7.71 -29.06
CA GLU B 91 -5.84 6.52 -29.60
C GLU B 91 -4.78 5.71 -30.32
N ILE B 92 -4.94 4.39 -30.28
CA ILE B 92 -3.98 3.46 -30.81
C ILE B 92 -4.68 2.75 -31.96
N VAL B 93 -3.98 2.60 -33.08
CA VAL B 93 -4.51 1.83 -34.19
C VAL B 93 -4.39 0.34 -33.84
N ALA B 95 -4.48 -3.47 -34.92
CA ALA B 95 -4.50 -4.43 -36.04
C ALA B 95 -5.48 -5.59 -35.79
N LYS B 96 -5.98 -6.19 -36.88
CA LYS B 96 -6.83 -7.39 -36.79
C LYS B 96 -6.01 -8.65 -36.88
N ASP B 97 -4.73 -8.53 -37.22
CA ASP B 97 -3.85 -9.70 -37.30
C ASP B 97 -2.46 -9.28 -36.91
N VAL B 98 -1.47 -10.16 -37.12
CA VAL B 98 -0.11 -9.95 -36.65
C VAL B 98 0.80 -9.56 -37.83
N ILE B 99 0.76 -10.37 -38.88
CA ILE B 99 1.50 -10.10 -40.10
C ILE B 99 0.65 -10.35 -41.35
N GLY B 100 -0.66 -10.27 -41.20
CA GLY B 100 -1.57 -10.45 -42.30
C GLY B 100 -1.73 -9.13 -43.01
N GLU B 101 -2.65 -9.12 -43.98
CA GLU B 101 -2.88 -7.91 -44.78
C GLU B 101 -3.27 -6.68 -43.94
N ASP B 102 -4.05 -6.85 -42.89
CA ASP B 102 -4.49 -5.70 -42.09
C ASP B 102 -3.32 -5.02 -41.39
N ALA B 103 -2.51 -5.82 -40.72
CA ALA B 103 -1.31 -5.31 -40.06
C ALA B 103 -0.35 -4.66 -41.04
N LYS B 104 -0.02 -5.33 -42.13
CA LYS B 104 0.97 -4.80 -43.07
C LYS B 104 0.50 -3.49 -43.68
N THR B 105 -0.80 -3.43 -44.01
CA THR B 105 -1.38 -2.25 -44.65
C THR B 105 -1.40 -1.10 -43.64
N LYS B 106 -1.81 -1.39 -42.39
CA LYS B 106 -1.83 -0.34 -41.35
C LYS B 106 -0.41 0.14 -41.08
N ALA B 107 0.55 -0.79 -41.02
CA ALA B 107 1.94 -0.46 -40.82
C ALA B 107 2.43 0.48 -41.91
N ASN B 109 0.78 2.47 -43.91
CA ASN B 109 0.16 3.80 -43.92
C ASN B 109 0.43 4.62 -42.67
N LEU B 110 1.04 4.01 -41.66
CA LEU B 110 1.19 4.62 -40.34
C LEU B 110 2.05 5.88 -40.41
N LYS B 111 1.57 6.97 -39.80
CA LYS B 111 2.22 8.28 -39.87
C LYS B 111 2.99 8.57 -38.59
N ALA B 112 3.91 9.51 -38.67
CA ALA B 112 4.62 10.07 -37.53
C ALA B 112 3.65 10.40 -36.41
N GLY B 113 3.97 10.00 -35.18
CA GLY B 113 3.09 10.28 -34.04
C GLY B 113 1.94 9.29 -33.87
N GLU B 114 1.78 8.35 -34.80
CA GLU B 114 0.72 7.33 -34.65
C GLU B 114 1.30 6.07 -34.06
N ILE B 115 0.45 5.30 -33.39
CA ILE B 115 0.87 4.03 -32.81
C ILE B 115 -0.04 2.91 -33.30
N LEU B 116 0.57 1.80 -33.70
CA LEU B 116 -0.14 0.62 -34.16
C LEU B 116 0.20 -0.53 -33.21
N LEU B 117 -0.83 -1.22 -32.70
CA LEU B 117 -0.58 -2.41 -31.89
C LEU B 117 -0.97 -3.60 -32.74
N LEU B 118 -0.03 -4.51 -32.94
CA LEU B 118 -0.27 -5.75 -33.68
C LEU B 118 -1.11 -6.65 -32.78
N GLU B 119 -1.83 -7.59 -33.37
CA GLU B 119 -2.49 -8.60 -32.53
C GLU B 119 -1.48 -9.51 -31.85
N ASN B 120 -1.99 -10.25 -30.88
CA ASN B 120 -1.18 -11.13 -30.04
C ASN B 120 -0.17 -11.88 -30.89
N LEU B 121 1.11 -11.66 -30.61
CA LEU B 121 2.19 -12.28 -31.36
C LEU B 121 2.07 -13.79 -31.40
N ARG B 122 1.57 -14.38 -30.31
CA ARG B 122 1.43 -15.84 -30.22
C ARG B 122 0.20 -16.42 -30.92
N PHE B 123 -0.63 -15.59 -31.52
CA PHE B 123 -1.59 -16.09 -32.49
C PHE B 123 -0.80 -16.68 -33.67
N GLU B 124 0.44 -16.26 -33.88
CA GLU B 124 1.30 -16.89 -34.87
C GLU B 124 2.03 -18.07 -34.25
N LYS B 125 1.86 -19.25 -34.83
CA LYS B 125 2.41 -20.50 -34.28
C LYS B 125 3.93 -20.47 -34.28
N GLY B 126 4.51 -19.73 -35.22
CA GLY B 126 5.95 -19.57 -35.27
C GLY B 126 6.58 -18.76 -34.16
N GLU B 127 5.82 -17.92 -33.44
CA GLU B 127 6.44 -17.03 -32.45
C GLU B 127 7.32 -17.80 -31.43
N THR B 128 6.75 -18.82 -30.78
CA THR B 128 7.51 -19.58 -29.77
C THR B 128 8.49 -20.61 -30.35
N LYS B 129 8.60 -20.69 -31.67
CA LYS B 129 9.59 -21.54 -32.33
C LYS B 129 10.74 -20.74 -32.89
N ASN B 130 10.79 -19.45 -32.60
CA ASN B 130 11.78 -18.59 -33.22
C ASN B 130 11.77 -18.72 -34.74
N ASP B 131 10.58 -18.78 -35.32
CA ASP B 131 10.45 -19.02 -36.75
C ASP B 131 10.95 -17.79 -37.54
N GLU B 132 11.78 -18.05 -38.55
CA GLU B 132 12.50 -17.01 -39.30
C GLU B 132 11.62 -16.25 -40.31
N ASN B 133 10.67 -16.95 -40.95
CA ASN B 133 9.74 -16.29 -41.87
C ASN B 133 8.83 -15.33 -41.12
N LEU B 134 8.38 -15.71 -39.92
CA LEU B 134 7.59 -14.80 -39.10
C LEU B 134 8.42 -13.56 -38.77
N ALA B 135 9.66 -13.78 -38.36
CA ALA B 135 10.57 -12.69 -38.01
C ALA B 135 10.79 -11.77 -39.22
N LYS B 136 10.96 -12.37 -40.39
CA LYS B 136 11.14 -11.61 -41.61
C LYS B 136 9.95 -10.70 -41.85
N GLU B 137 8.74 -11.24 -41.75
CA GLU B 137 7.55 -10.42 -41.98
C GLU B 137 7.41 -9.29 -40.96
N LEU B 138 7.66 -9.57 -39.69
CA LEU B 138 7.60 -8.52 -38.65
C LEU B 138 8.60 -7.42 -38.99
N ALA B 139 9.82 -7.82 -39.34
CA ALA B 139 10.89 -6.88 -39.63
C ALA B 139 10.62 -5.99 -40.86
N SER B 140 9.95 -6.55 -41.87
CA SER B 140 9.62 -5.79 -43.10
C SER B 140 8.80 -4.53 -42.82
N VAL B 142 9.18 -2.14 -40.58
CA VAL B 142 9.82 -1.03 -39.85
C VAL B 142 11.29 -0.87 -40.18
N GLN B 143 11.86 0.24 -39.72
CA GLN B 143 13.27 0.57 -39.94
C GLN B 143 14.15 0.26 -38.72
N VAL B 144 13.54 0.26 -37.54
CA VAL B 144 14.27 0.07 -36.28
C VAL B 144 13.52 -0.91 -35.38
N TYR B 145 14.30 -1.75 -34.69
CA TYR B 145 13.77 -2.74 -33.78
C TYR B 145 14.25 -2.41 -32.37
N ILE B 146 13.29 -2.28 -31.46
CA ILE B 146 13.57 -2.05 -30.05
C ILE B 146 12.96 -3.19 -29.26
N ASN B 147 13.79 -3.85 -28.46
CA ASN B 147 13.30 -4.84 -27.48
C ASN B 147 13.13 -4.13 -26.15
N ASP B 148 11.91 -4.07 -25.65
CA ASP B 148 11.68 -3.56 -24.29
C ASP B 148 10.92 -4.61 -23.45
N ALA B 149 11.10 -5.89 -23.78
CA ALA B 149 10.38 -7.01 -23.10
C ALA B 149 11.35 -8.02 -22.47
N PHE B 150 11.93 -7.64 -21.34
CA PHE B 150 12.84 -8.50 -20.61
C PHE B 150 12.26 -9.86 -20.36
N GLY B 151 10.97 -9.93 -20.07
CA GLY B 151 10.34 -11.12 -19.60
C GLY B 151 10.26 -12.26 -20.60
N VAL B 152 10.50 -12.01 -21.87
CA VAL B 152 10.56 -13.11 -22.82
C VAL B 152 11.95 -13.30 -23.33
N CYS B 153 12.92 -12.55 -22.82
CA CYS B 153 14.28 -12.63 -23.36
C CYS B 153 15.03 -13.92 -23.00
N HIS B 154 14.52 -14.68 -22.04
CA HIS B 154 15.02 -16.03 -21.77
C HIS B 154 14.67 -17.06 -22.82
N ARG B 155 13.86 -16.69 -23.80
CA ARG B 155 13.39 -17.65 -24.78
C ARG B 155 13.72 -17.20 -26.18
N ALA B 156 14.10 -18.16 -27.02
CA ALA B 156 14.41 -17.89 -28.41
C ALA B 156 13.08 -17.81 -29.14
N HIS B 157 12.46 -16.64 -29.07
CA HIS B 157 11.17 -16.39 -29.75
C HIS B 157 11.35 -15.34 -30.85
N SER B 158 10.61 -15.48 -31.94
CA SER B 158 10.83 -14.67 -33.17
C SER B 158 10.94 -13.18 -32.92
N SER B 159 9.97 -12.68 -32.16
CA SER B 159 9.86 -11.24 -31.88
C SER B 159 10.99 -10.67 -31.02
N VAL B 160 11.77 -11.55 -30.39
CA VAL B 160 12.94 -11.14 -29.59
C VAL B 160 14.28 -11.74 -29.98
N GLU B 161 14.29 -12.69 -30.92
CA GLU B 161 15.56 -13.32 -31.29
C GLU B 161 15.75 -13.36 -32.80
N ALA B 162 14.99 -14.20 -33.51
CA ALA B 162 15.17 -14.28 -34.97
C ALA B 162 15.04 -12.90 -35.62
N ILE B 163 14.10 -12.09 -35.14
CA ILE B 163 13.85 -10.80 -35.74
C ILE B 163 15.10 -9.91 -35.79
N THR B 164 15.96 -10.01 -34.78
CA THR B 164 17.11 -9.14 -34.69
C THR B 164 18.15 -9.39 -35.79
N LYS B 165 18.09 -10.55 -36.44
CA LYS B 165 19.04 -10.84 -37.49
C LYS B 165 18.77 -9.98 -38.72
N PHE B 166 17.65 -9.25 -38.73
CA PHE B 166 17.24 -8.43 -39.90
C PHE B 166 17.58 -6.95 -39.80
N PHE B 167 18.30 -6.58 -38.75
CA PHE B 167 18.69 -5.19 -38.52
C PHE B 167 20.15 -5.22 -38.15
N ASP B 168 20.88 -4.20 -38.59
CA ASP B 168 22.28 -4.09 -38.23
C ASP B 168 22.35 -3.36 -36.90
N GLU B 169 23.55 -3.17 -36.39
CA GLU B 169 23.77 -2.67 -35.04
C GLU B 169 23.39 -1.21 -34.85
N LYS B 170 23.14 -0.52 -35.97
CA LYS B 170 22.66 0.86 -35.93
C LYS B 170 21.13 0.96 -36.04
N HIS B 171 20.44 -0.18 -36.10
CA HIS B 171 18.98 -0.21 -36.22
C HIS B 171 18.28 -1.18 -35.24
N LYS B 172 19.01 -1.65 -34.22
CA LYS B 172 18.42 -2.46 -33.18
C LYS B 172 18.96 -2.03 -31.83
N GLY B 173 18.09 -2.08 -30.83
CA GLY B 173 18.46 -1.63 -29.49
C GLY B 173 17.55 -2.07 -28.38
N ALA B 174 18.03 -1.91 -27.16
CA ALA B 174 17.28 -2.27 -25.96
C ALA B 174 16.56 -1.04 -25.47
N GLY B 175 15.31 -1.22 -25.07
CA GLY B 175 14.52 -0.13 -24.57
C GLY B 175 14.88 0.16 -23.13
N PHE B 176 14.26 1.17 -22.54
CA PHE B 176 14.65 1.62 -21.21
C PHE B 176 14.26 0.64 -20.12
N LEU B 177 13.13 -0.06 -20.32
CA LEU B 177 12.66 -1.00 -19.34
C LEU B 177 13.49 -2.28 -19.35
N LEU B 178 13.86 -2.77 -20.54
CA LEU B 178 14.74 -3.92 -20.63
C LEU B 178 16.05 -3.64 -19.91
N GLN B 179 16.63 -2.48 -20.20
N GLN B 179 16.67 -2.48 -20.16
CA GLN B 179 17.87 -2.02 -19.56
CA GLN B 179 17.95 -2.17 -19.52
C GLN B 179 17.74 -2.02 -18.03
C GLN B 179 17.81 -1.94 -18.00
N LYS B 180 16.66 -1.44 -17.53
CA LYS B 180 16.37 -1.40 -16.10
C LYS B 180 16.20 -2.82 -15.50
N GLU B 181 15.54 -3.72 -16.20
CA GLU B 181 15.40 -5.08 -15.69
C GLU B 181 16.79 -5.68 -15.57
N ILE B 182 17.61 -5.49 -16.60
CA ILE B 182 19.00 -5.95 -16.57
C ILE B 182 19.83 -5.31 -15.47
N ASP B 183 19.73 -3.99 -15.30
CA ASP B 183 20.54 -3.31 -14.27
C ASP B 183 20.14 -3.86 -12.91
N PHE B 184 18.85 -3.90 -12.62
CA PHE B 184 18.40 -4.32 -11.28
C PHE B 184 18.80 -5.75 -10.97
N ALA B 185 18.56 -6.66 -11.90
CA ALA B 185 18.89 -8.08 -11.70
C ALA B 185 20.40 -8.26 -11.58
N SER B 186 21.13 -7.64 -12.49
CA SER B 186 22.56 -7.79 -12.52
C SER B 186 23.22 -7.31 -11.22
N ASN B 187 22.82 -6.14 -10.72
CA ASN B 187 23.34 -5.60 -9.46
C ASN B 187 23.25 -6.58 -8.28
N LEU B 188 22.19 -7.40 -8.23
CA LEU B 188 22.01 -8.33 -7.12
C LEU B 188 23.09 -9.38 -7.12
N ILE B 189 23.49 -9.82 -8.30
CA ILE B 189 24.51 -10.85 -8.38
C ILE B 189 25.91 -10.28 -8.58
N LYS B 190 26.04 -8.97 -8.75
CA LYS B 190 27.37 -8.40 -8.99
C LYS B 190 27.85 -7.74 -7.71
N HIS B 191 27.44 -6.51 -7.45
CA HIS B 191 27.90 -5.80 -6.26
C HIS B 191 26.76 -5.10 -5.48
N PRO B 192 25.91 -5.90 -4.82
CA PRO B 192 24.81 -5.31 -4.07
C PRO B 192 25.27 -4.57 -2.79
N ALA B 193 24.65 -3.43 -2.52
CA ALA B 193 24.78 -2.77 -1.22
C ALA B 193 24.38 -3.79 -0.14
N ARG B 194 25.22 -3.91 0.88
CA ARG B 194 25.10 -4.88 1.95
C ARG B 194 24.78 -4.17 3.27
N PRO B 195 24.02 -4.82 4.17
CA PRO B 195 23.49 -6.19 4.14
C PRO B 195 22.46 -6.45 3.05
N PHE B 196 22.67 -7.53 2.30
CA PHE B 196 21.76 -7.96 1.25
C PHE B 196 20.97 -9.14 1.80
N VAL B 197 19.66 -8.99 1.88
CA VAL B 197 18.77 -10.03 2.38
C VAL B 197 17.93 -10.53 1.24
N ALA B 198 17.90 -11.83 1.04
CA ALA B 198 16.94 -12.45 0.13
C ALA B 198 15.75 -13.03 0.94
N VAL B 199 14.55 -12.83 0.43
CA VAL B 199 13.35 -13.33 1.03
C VAL B 199 12.69 -14.14 -0.02
N VAL B 200 12.60 -15.45 0.22
CA VAL B 200 11.96 -16.36 -0.71
C VAL B 200 10.81 -17.07 -0.05
N GLY B 201 9.75 -17.23 -0.82
CA GLY B 201 8.54 -17.87 -0.36
C GLY B 201 7.87 -18.58 -1.52
N GLY B 202 6.54 -18.59 -1.50
CA GLY B 202 5.81 -19.44 -2.46
C GLY B 202 5.71 -20.87 -1.98
N SER B 203 5.01 -21.70 -2.72
CA SER B 203 4.67 -22.99 -2.17
C SER B 203 5.64 -24.10 -2.51
N LYS B 204 6.42 -23.95 -3.58
CA LYS B 204 7.35 -25.05 -3.95
C LYS B 204 8.86 -24.70 -4.01
N VAL B 205 9.66 -25.51 -3.34
CA VAL B 205 11.14 -25.37 -3.32
C VAL B 205 11.73 -25.48 -4.71
N SER B 206 11.27 -26.49 -5.45
CA SER B 206 11.68 -26.72 -6.85
C SER B 206 11.72 -25.40 -7.62
N GLY B 207 10.69 -24.59 -7.45
CA GLY B 207 10.57 -23.31 -8.16
C GLY B 207 11.73 -22.35 -7.90
N LYS B 208 12.26 -22.36 -6.67
CA LYS B 208 13.30 -21.39 -6.28
C LYS B 208 14.73 -21.94 -6.18
N LEU B 209 14.89 -23.23 -6.40
CA LEU B 209 16.15 -23.93 -6.06
C LEU B 209 17.37 -23.27 -6.69
N GLN B 210 17.31 -23.09 -7.99
CA GLN B 210 18.48 -22.62 -8.75
C GLN B 210 18.81 -21.15 -8.48
N ALA B 211 17.77 -20.33 -8.28
CA ALA B 211 17.91 -18.98 -7.72
C ALA B 211 18.67 -18.99 -6.40
N LEU B 212 18.14 -19.77 -5.46
CA LEU B 212 18.75 -19.95 -4.15
C LEU B 212 20.21 -20.32 -4.32
N THR B 213 20.45 -21.36 -5.11
CA THR B 213 21.80 -21.83 -5.33
C THR B 213 22.71 -20.69 -5.78
N ASN B 214 22.33 -19.88 -6.75
CA ASN B 214 23.26 -18.82 -7.28
C ASN B 214 23.42 -17.62 -6.36
N LEU B 215 22.38 -17.34 -5.58
CA LEU B 215 22.37 -16.22 -4.63
C LEU B 215 23.02 -16.54 -3.26
N LEU B 216 22.97 -17.79 -2.84
CA LEU B 216 23.50 -18.16 -1.52
C LEU B 216 24.93 -17.66 -1.30
N PRO B 217 25.82 -17.88 -2.27
CA PRO B 217 27.15 -17.22 -2.13
C PRO B 217 27.13 -15.69 -2.18
N LYS B 218 25.99 -15.10 -2.51
CA LYS B 218 25.89 -13.64 -2.67
C LYS B 218 25.25 -12.85 -1.51
N VAL B 219 24.31 -13.46 -0.79
CA VAL B 219 23.52 -12.75 0.22
C VAL B 219 24.17 -12.75 1.61
N ASP B 220 23.75 -11.84 2.50
CA ASP B 220 24.13 -11.92 3.90
C ASP B 220 23.15 -12.68 4.78
N LYS B 221 21.87 -12.66 4.38
CA LYS B 221 20.83 -13.28 5.18
C LYS B 221 19.80 -13.80 4.20
N LEU B 222 19.15 -14.89 4.59
CA LEU B 222 18.08 -15.48 3.80
C LEU B 222 16.88 -15.79 4.69
N ILE B 223 15.72 -15.30 4.30
CA ILE B 223 14.46 -15.62 4.95
C ILE B 223 13.68 -16.53 4.00
N ILE B 224 13.26 -17.67 4.51
CA ILE B 224 12.44 -18.62 3.76
C ILE B 224 11.09 -18.70 4.44
N GLY B 225 10.04 -18.34 3.70
CA GLY B 225 8.67 -18.45 4.15
C GLY B 225 7.81 -19.17 3.11
N GLY B 226 6.51 -19.02 3.23
CA GLY B 226 5.57 -19.73 2.38
C GLY B 226 5.58 -21.24 2.58
N GLY B 227 4.79 -21.91 1.76
CA GLY B 227 4.74 -23.36 1.78
C GLY B 227 6.10 -24.01 1.64
N ALA B 229 8.91 -23.30 3.00
CA ALA B 229 9.59 -23.39 4.30
C ALA B 229 9.42 -24.75 4.96
N PHE B 230 8.32 -25.43 4.70
CA PHE B 230 8.08 -26.72 5.35
C PHE B 230 8.99 -27.86 4.88
N THR B 231 9.50 -27.77 3.67
CA THR B 231 10.51 -28.77 3.18
C THR B 231 11.82 -28.57 3.94
N PHE B 232 12.20 -27.31 4.15
CA PHE B 232 13.36 -27.00 5.03
C PHE B 232 13.16 -27.41 6.47
N LEU B 233 12.00 -27.07 7.05
CA LEU B 233 11.71 -27.52 8.41
C LEU B 233 11.69 -29.06 8.49
N LYS B 234 11.06 -29.74 7.55
CA LYS B 234 11.09 -31.20 7.58
C LYS B 234 12.53 -31.71 7.45
N ALA B 235 13.35 -31.03 6.63
CA ALA B 235 14.76 -31.42 6.45
C ALA B 235 15.51 -31.27 7.76
N LEU B 236 15.12 -30.30 8.58
CA LEU B 236 15.74 -30.10 9.90
C LEU B 236 15.20 -31.07 10.97
N GLY B 237 14.22 -31.89 10.60
CA GLY B 237 13.66 -32.91 11.52
C GLY B 237 12.34 -32.56 12.20
N TYR B 238 11.74 -31.41 11.87
CA TYR B 238 10.44 -31.00 12.41
C TYR B 238 9.25 -31.80 11.88
N ASP B 239 8.28 -32.04 12.74
CA ASP B 239 6.95 -32.45 12.31
C ASP B 239 6.29 -31.26 11.64
N ILE B 240 5.67 -31.47 10.51
CA ILE B 240 5.02 -30.38 9.78
C ILE B 240 3.51 -30.64 9.54
N GLY B 241 2.93 -31.62 10.22
CA GLY B 241 1.55 -32.06 9.96
C GLY B 241 1.28 -32.39 8.51
N ASN B 242 0.15 -31.91 8.00
CA ASN B 242 -0.21 -32.09 6.60
C ASN B 242 0.15 -30.92 5.71
N SER B 243 1.07 -30.07 6.19
CA SER B 243 1.60 -28.96 5.38
C SER B 243 2.28 -29.48 4.09
N LEU B 244 2.29 -28.64 3.06
CA LEU B 244 2.99 -28.90 1.78
C LEU B 244 4.43 -29.33 1.98
N LEU B 245 4.83 -30.39 1.29
CA LEU B 245 6.16 -30.96 1.40
C LEU B 245 6.59 -31.46 0.01
N GLU B 246 7.77 -31.03 -0.43
CA GLU B 246 8.40 -31.64 -1.58
C GLU B 246 9.48 -32.59 -1.06
N GLU B 247 9.04 -33.82 -0.77
CA GLU B 247 9.90 -34.84 -0.19
C GLU B 247 11.11 -35.11 -1.10
N GLU B 248 10.95 -34.93 -2.39
CA GLU B 248 12.04 -35.19 -3.33
C GLU B 248 13.15 -34.11 -3.23
N LEU B 249 12.92 -33.05 -2.46
CA LEU B 249 13.88 -31.93 -2.37
C LEU B 249 14.47 -31.74 -0.98
N LEU B 250 14.30 -32.73 -0.11
CA LEU B 250 14.83 -32.64 1.24
C LEU B 250 16.37 -32.60 1.24
N GLU B 251 16.99 -33.32 0.31
CA GLU B 251 18.45 -33.36 0.29
C GLU B 251 18.95 -32.04 -0.25
N GLU B 252 18.25 -31.47 -1.22
CA GLU B 252 18.58 -30.16 -1.72
C GLU B 252 18.40 -29.06 -0.65
N ALA B 253 17.34 -29.17 0.15
CA ALA B 253 17.13 -28.24 1.23
C ALA B 253 18.32 -28.35 2.18
N ASN B 254 18.74 -29.57 2.48
CA ASN B 254 19.92 -29.77 3.33
C ASN B 254 21.22 -29.21 2.74
N LYS B 255 21.36 -29.22 1.41
CA LYS B 255 22.56 -28.68 0.78
C LYS B 255 22.60 -27.18 1.04
N ILE B 256 21.46 -26.52 0.82
CA ILE B 256 21.32 -25.08 0.99
C ILE B 256 21.66 -24.65 2.44
N LEU B 257 21.13 -25.37 3.40
CA LEU B 257 21.41 -25.10 4.80
C LEU B 257 22.87 -25.30 5.17
N THR B 258 23.45 -26.42 4.70
CA THR B 258 24.84 -26.72 5.01
C THR B 258 25.76 -25.69 4.36
N LYS B 259 25.45 -25.38 3.11
CA LYS B 259 26.19 -24.41 2.34
C LYS B 259 26.13 -23.03 2.96
N GLY B 260 24.93 -22.70 3.44
CA GLY B 260 24.68 -21.41 4.05
C GLY B 260 25.45 -21.23 5.32
N LYS B 261 25.50 -22.28 6.14
CA LYS B 261 26.31 -22.28 7.34
C LYS B 261 27.81 -22.14 7.03
N ASN B 262 28.32 -22.86 6.03
CA ASN B 262 29.76 -22.76 5.66
C ASN B 262 30.11 -21.35 5.23
N LEU B 263 29.24 -20.72 4.46
CA LEU B 263 29.42 -19.33 4.03
C LEU B 263 29.19 -18.21 5.05
N GLY B 264 28.62 -18.52 6.20
CA GLY B 264 28.20 -17.50 7.16
C GLY B 264 26.87 -16.79 6.87
N VAL B 265 26.01 -17.36 6.02
CA VAL B 265 24.75 -16.70 5.70
C VAL B 265 23.85 -16.95 6.88
N LYS B 266 23.08 -15.95 7.29
CA LYS B 266 22.14 -16.17 8.37
C LYS B 266 20.81 -16.55 7.74
N ILE B 267 20.39 -17.77 8.00
CA ILE B 267 19.18 -18.29 7.40
C ILE B 267 18.09 -18.33 8.45
N TYR B 268 16.92 -17.77 8.11
CA TYR B 268 15.77 -17.74 8.96
C TYR B 268 14.57 -18.48 8.34
N LEU B 269 14.05 -19.43 9.10
CA LEU B 269 12.79 -20.05 8.80
C LEU B 269 11.72 -19.56 9.78
N PRO B 270 10.45 -19.80 9.48
CA PRO B 270 9.37 -19.48 10.40
C PRO B 270 9.57 -20.18 11.74
N VAL B 271 9.30 -19.49 12.83
CA VAL B 271 9.33 -20.08 14.14
C VAL B 271 7.94 -20.36 14.66
N ASP B 272 6.94 -19.81 13.98
CA ASP B 272 5.56 -20.09 14.26
C ASP B 272 4.74 -19.93 13.00
N VAL B 273 3.52 -20.47 13.02
CA VAL B 273 2.65 -20.45 11.87
C VAL B 273 1.19 -20.29 12.28
N VAL B 274 0.38 -19.82 11.35
CA VAL B 274 -1.03 -19.87 11.46
C VAL B 274 -1.44 -21.20 10.85
N ALA B 275 -1.96 -22.10 11.69
CA ALA B 275 -2.35 -23.42 11.24
C ALA B 275 -3.85 -23.55 11.18
N ALA B 276 -4.32 -24.36 10.25
CA ALA B 276 -5.74 -24.73 10.18
C ALA B 276 -5.87 -26.14 9.63
N PRO B 277 -7.05 -26.78 9.82
CA PRO B 277 -7.32 -28.14 9.30
C PRO B 277 -7.54 -28.21 7.79
N ALA B 278 -7.83 -27.07 7.18
CA ALA B 278 -8.01 -26.99 5.74
C ALA B 278 -7.73 -25.58 5.25
N CYS B 279 -7.47 -25.48 3.96
CA CYS B 279 -7.20 -24.24 3.31
C CYS B 279 -8.49 -23.65 2.77
N SER B 280 -9.26 -23.02 3.64
CA SER B 280 -10.41 -22.30 3.17
C SER B 280 -10.70 -21.16 4.14
N GLN B 281 -11.62 -20.28 3.78
CA GLN B 281 -11.93 -19.14 4.64
C GLN B 281 -12.74 -19.53 5.88
N ASP B 282 -13.43 -20.66 5.81
CA ASP B 282 -14.41 -21.07 6.82
C ASP B 282 -13.86 -22.15 7.74
N VAL B 283 -12.69 -21.89 8.33
CA VAL B 283 -12.00 -22.89 9.15
C VAL B 283 -11.50 -22.28 10.45
N PRO B 284 -11.47 -23.06 11.53
CA PRO B 284 -10.80 -22.56 12.73
C PRO B 284 -9.28 -22.41 12.47
N LYS B 286 -5.26 -21.77 14.51
CA LYS B 286 -4.42 -21.62 15.68
C LYS B 286 -3.08 -20.97 15.30
N PHE B 287 -2.55 -20.19 16.23
CA PHE B 287 -1.22 -19.64 16.10
C PHE B 287 -0.35 -20.53 16.90
N VAL B 288 0.53 -21.25 16.21
CA VAL B 288 1.31 -22.26 16.91
C VAL B 288 2.78 -22.19 16.54
N PRO B 289 3.67 -22.57 17.47
CA PRO B 289 5.06 -22.73 17.19
C PRO B 289 5.23 -23.68 16.02
N ALA B 290 6.25 -23.45 15.20
CA ALA B 290 6.48 -24.32 14.07
C ALA B 290 6.65 -25.80 14.45
N GLN B 291 7.06 -26.14 15.68
CA GLN B 291 7.17 -27.56 16.10
C GLN B 291 5.83 -28.16 16.51
N GLU B 292 4.75 -27.39 16.50
CA GLU B 292 3.53 -27.82 17.13
C GLU B 292 2.33 -27.66 16.20
N ILE B 293 2.53 -27.94 14.92
CA ILE B 293 1.38 -27.98 14.03
C ILE B 293 0.65 -29.26 14.40
N PRO B 294 -0.65 -29.18 14.71
CA PRO B 294 -1.40 -30.36 15.06
C PRO B 294 -1.41 -31.41 13.97
N ASN B 295 -1.48 -32.71 14.35
CA ASN B 295 -1.57 -33.77 13.36
C ASN B 295 -2.74 -33.48 12.44
N GLY B 296 -2.50 -33.52 11.14
CA GLY B 296 -3.60 -33.34 10.18
C GLY B 296 -3.90 -31.90 9.81
N TRP B 297 -3.20 -30.96 10.46
CA TRP B 297 -3.38 -29.51 10.17
C TRP B 297 -2.25 -29.05 9.28
N GLY B 299 0.11 -25.51 7.98
CA GLY B 299 0.54 -24.13 8.13
C GLY B 299 0.25 -23.40 6.85
N LEU B 300 -0.52 -22.34 6.95
CA LEU B 300 -0.95 -21.58 5.82
C LEU B 300 -0.44 -20.15 5.82
N ASP B 301 0.24 -19.75 6.89
CA ASP B 301 0.93 -18.44 6.93
C ASP B 301 1.97 -18.50 8.03
N ILE B 302 2.96 -17.61 7.94
CA ILE B 302 3.89 -17.45 9.03
C ILE B 302 3.15 -16.77 10.15
N GLY B 303 3.50 -17.07 11.38
CA GLY B 303 2.83 -16.46 12.52
C GLY B 303 3.44 -15.13 12.94
N PRO B 304 2.91 -14.54 14.01
CA PRO B 304 3.36 -13.21 14.41
C PRO B 304 4.77 -13.14 15.04
N ALA B 305 5.23 -14.21 15.66
CA ALA B 305 6.61 -14.24 16.15
C ALA B 305 7.55 -14.22 14.96
N SER B 306 7.18 -14.95 13.93
CA SER B 306 7.99 -14.95 12.73
C SER B 306 8.03 -13.59 12.06
N VAL B 307 6.86 -12.95 11.95
CA VAL B 307 6.75 -11.65 11.30
C VAL B 307 7.69 -10.69 12.02
N ARG B 308 7.67 -10.75 13.35
CA ARG B 308 8.46 -9.85 14.18
C ARG B 308 9.98 -10.14 14.07
N LEU B 309 10.34 -11.43 14.01
CA LEU B 309 11.72 -11.80 13.80
C LEU B 309 12.20 -11.31 12.45
N PHE B 310 11.42 -11.55 11.41
CA PHE B 310 11.81 -11.16 10.08
C PHE B 310 12.00 -9.68 9.92
N LYS B 311 11.16 -8.89 10.60
CA LYS B 311 11.29 -7.47 10.62
C LYS B 311 12.66 -7.07 11.13
N GLU B 312 13.12 -7.71 12.21
CA GLU B 312 14.43 -7.43 12.78
C GLU B 312 15.49 -7.84 11.78
N VAL B 313 15.29 -8.98 11.13
CA VAL B 313 16.26 -9.47 10.14
C VAL B 313 16.48 -8.44 9.04
N ILE B 314 15.42 -7.83 8.53
CA ILE B 314 15.62 -6.91 7.43
C ILE B 314 15.84 -5.45 7.85
N SER B 315 15.89 -5.13 9.14
CA SER B 315 15.90 -3.72 9.59
C SER B 315 17.16 -2.95 9.12
N ASP B 316 18.30 -3.63 9.05
CA ASP B 316 19.52 -3.00 8.57
C ASP B 316 19.86 -3.35 7.13
N ALA B 317 18.92 -3.90 6.38
CA ALA B 317 19.23 -4.30 5.00
C ALA B 317 19.42 -3.07 4.12
N GLN B 318 20.37 -3.15 3.21
CA GLN B 318 20.53 -2.12 2.19
C GLN B 318 20.02 -2.61 0.86
N THR B 319 19.97 -3.93 0.67
CA THR B 319 19.34 -4.51 -0.52
C THR B 319 18.43 -5.65 -0.08
N ILE B 320 17.22 -5.72 -0.60
CA ILE B 320 16.30 -6.82 -0.33
C ILE B 320 15.79 -7.33 -1.68
N TRP B 321 15.95 -8.62 -1.94
CA TRP B 321 15.28 -9.26 -3.04
C TRP B 321 14.20 -10.17 -2.50
N TRP B 322 12.98 -9.98 -2.94
CA TRP B 322 11.87 -10.72 -2.46
C TRP B 322 11.10 -11.35 -3.61
N ASN B 323 11.10 -12.66 -3.60
CA ASN B 323 10.30 -13.46 -4.51
C ASN B 323 9.60 -14.61 -3.77
N GLY B 324 8.29 -14.48 -3.63
CA GLY B 324 7.44 -15.48 -3.03
C GLY B 324 6.66 -15.09 -1.76
N PRO B 325 5.35 -15.23 -1.79
CA PRO B 325 4.53 -14.87 -0.62
C PRO B 325 4.82 -15.74 0.59
N GLY B 327 2.55 -16.95 2.76
CA GLY B 327 1.42 -17.80 3.05
C GLY B 327 0.34 -17.72 1.98
N VAL B 328 -0.84 -18.26 2.27
CA VAL B 328 -1.89 -18.36 1.26
C VAL B 328 -2.66 -17.05 1.22
N PHE B 329 -2.02 -16.08 0.59
CA PHE B 329 -2.43 -14.69 0.66
C PHE B 329 -3.76 -14.40 -0.03
N GLU B 330 -4.18 -15.29 -0.94
CA GLU B 330 -5.51 -15.18 -1.57
C GLU B 330 -6.67 -15.32 -0.57
N ILE B 331 -6.41 -15.82 0.64
CA ILE B 331 -7.40 -15.86 1.71
C ILE B 331 -7.04 -14.84 2.79
N ASP B 332 -7.93 -13.88 3.03
CA ASP B 332 -7.69 -12.75 3.95
C ASP B 332 -7.02 -13.21 5.23
N LYS B 333 -7.62 -14.23 5.80
CA LYS B 333 -7.23 -14.82 7.03
C LYS B 333 -5.76 -15.26 7.05
N PHE B 334 -5.28 -15.71 5.89
CA PHE B 334 -3.91 -16.22 5.79
C PHE B 334 -2.99 -15.27 5.03
N SER B 335 -3.39 -14.03 4.87
CA SER B 335 -2.67 -13.06 4.07
C SER B 335 -1.77 -12.14 4.89
N LYS B 336 -1.90 -12.18 6.23
CA LYS B 336 -1.32 -11.12 7.06
C LYS B 336 0.20 -11.10 7.04
N GLY B 337 0.82 -12.28 7.04
CA GLY B 337 2.26 -12.41 6.95
C GLY B 337 2.82 -11.81 5.69
N SER B 338 2.16 -12.04 4.57
CA SER B 338 2.65 -11.55 3.27
C SER B 338 2.51 -10.04 3.19
N ILE B 339 1.38 -9.52 3.67
CA ILE B 339 1.09 -8.11 3.60
C ILE B 339 2.08 -7.38 4.50
N LYS B 340 2.32 -7.92 5.70
CA LYS B 340 3.25 -7.26 6.63
C LYS B 340 4.67 -7.21 6.10
N SER B 342 5.38 -7.06 2.95
CA SER B 342 5.38 -6.02 1.96
C SER B 342 5.60 -4.69 2.63
N HIS B 343 4.88 -4.44 3.72
CA HIS B 343 5.02 -3.17 4.43
C HIS B 343 6.43 -2.94 4.94
N TYR B 344 6.99 -3.92 5.63
CA TYR B 344 8.32 -3.77 6.17
C TYR B 344 9.41 -3.61 5.11
N ILE B 345 9.36 -4.38 4.05
CA ILE B 345 10.36 -4.32 3.00
C ILE B 345 10.28 -2.94 2.34
N SER B 346 9.05 -2.52 2.02
CA SER B 346 8.80 -1.29 1.27
C SER B 346 8.95 0.02 2.09
N GLU B 347 8.69 -0.03 3.37
CA GLU B 347 8.70 1.23 4.15
C GLU B 347 10.12 1.62 4.61
N GLY B 348 11.07 0.69 4.50
CA GLY B 348 12.43 0.94 4.94
C GLY B 348 13.26 1.54 3.84
N HIS B 349 14.56 1.62 4.08
CA HIS B 349 15.44 2.34 3.16
C HIS B 349 16.26 1.45 2.24
N ALA B 350 16.03 0.14 2.29
CA ALA B 350 16.70 -0.78 1.37
C ALA B 350 16.29 -0.56 -0.11
N THR B 351 17.21 -0.83 -1.03
CA THR B 351 16.83 -1.08 -2.40
C THR B 351 16.05 -2.38 -2.44
N SER B 352 14.74 -2.28 -2.69
CA SER B 352 13.86 -3.43 -2.74
C SER B 352 13.50 -3.81 -4.18
N VAL B 353 13.75 -5.06 -4.51
CA VAL B 353 13.43 -5.61 -5.80
C VAL B 353 12.47 -6.78 -5.62
N VAL B 354 11.27 -6.67 -6.18
CA VAL B 354 10.30 -7.72 -6.05
C VAL B 354 10.34 -8.53 -7.32
N GLY B 355 10.35 -9.85 -7.14
CA GLY B 355 10.24 -10.82 -8.23
C GLY B 355 8.99 -11.69 -8.08
N GLY B 356 8.47 -12.14 -9.20
CA GLY B 356 7.35 -13.06 -9.22
C GLY B 356 5.99 -12.43 -9.29
N GLY B 357 5.08 -13.03 -10.08
CA GLY B 357 3.72 -12.56 -10.20
C GLY B 357 2.89 -12.55 -8.93
N ASP B 358 2.99 -13.61 -8.14
N ASP B 358 3.00 -13.62 -8.15
CA ASP B 358 2.26 -13.68 -6.89
CA ASP B 358 2.27 -13.72 -6.89
C ASP B 358 2.77 -12.63 -5.91
C ASP B 358 2.79 -12.68 -5.89
N THR B 359 4.09 -12.40 -5.93
CA THR B 359 4.68 -11.40 -5.04
C THR B 359 4.18 -10.00 -5.40
N ALA B 360 4.16 -9.71 -6.69
CA ALA B 360 3.66 -8.42 -7.19
C ALA B 360 2.17 -8.27 -6.84
N ASP B 361 1.41 -9.35 -6.90
CA ASP B 361 0.00 -9.33 -6.50
C ASP B 361 -0.14 -8.98 -5.00
N VAL B 362 0.65 -9.61 -4.14
CA VAL B 362 0.62 -9.29 -2.70
C VAL B 362 0.96 -7.81 -2.50
N VAL B 363 2.04 -7.37 -3.12
CA VAL B 363 2.44 -5.97 -2.97
C VAL B 363 1.34 -4.97 -3.40
N ALA B 364 0.64 -5.29 -4.48
CA ALA B 364 -0.51 -4.49 -4.93
C ALA B 364 -1.61 -4.52 -3.89
N ARG B 365 -1.92 -5.71 -3.36
CA ARG B 365 -2.94 -5.82 -2.32
C ARG B 365 -2.56 -5.05 -1.09
N ALA B 366 -1.27 -5.01 -0.76
CA ALA B 366 -0.77 -4.24 0.36
C ALA B 366 -0.80 -2.73 0.17
N GLY B 367 -0.87 -2.26 -1.08
CA GLY B 367 -0.80 -0.80 -1.35
C GLY B 367 0.64 -0.28 -1.38
N ASP B 368 1.60 -1.15 -1.71
CA ASP B 368 3.04 -0.85 -1.53
C ASP B 368 3.83 -0.77 -2.84
N ALA B 369 3.16 -0.91 -3.97
CA ALA B 369 3.85 -1.02 -5.27
C ALA B 369 4.73 0.18 -5.57
N ASP B 370 4.31 1.40 -5.19
CA ASP B 370 5.14 2.58 -5.50
C ASP B 370 6.21 2.85 -4.46
N GLU B 371 6.22 2.03 -3.41
CA GLU B 371 7.19 2.19 -2.35
C GLU B 371 8.36 1.21 -2.47
N THR B 373 11.49 -0.28 -4.64
CA THR B 373 12.39 0.36 -5.58
C THR B 373 12.05 -0.15 -6.99
N PHE B 374 11.85 -1.45 -7.15
CA PHE B 374 11.60 -2.03 -8.49
C PHE B 374 10.84 -3.36 -8.41
N ILE B 375 9.81 -3.49 -9.23
CA ILE B 375 9.01 -4.69 -9.32
C ILE B 375 9.27 -5.28 -10.70
N SER B 376 10.02 -6.35 -10.71
CA SER B 376 10.42 -6.97 -11.93
C SER B 376 9.25 -7.72 -12.51
N THR B 377 9.19 -7.79 -13.83
CA THR B 377 8.17 -8.57 -14.51
C THR B 377 8.13 -10.00 -14.01
N GLY B 378 6.94 -10.60 -14.02
CA GLY B 378 6.75 -11.99 -13.57
C GLY B 378 6.91 -13.01 -14.69
N GLY B 380 10.28 -14.88 -14.21
CA GLY B 380 10.60 -15.97 -15.19
C GLY B 380 12.01 -15.85 -15.74
N ALA B 381 12.24 -14.87 -16.60
CA ALA B 381 13.59 -14.51 -17.03
C ALA B 381 14.37 -13.80 -15.91
N SER B 382 13.65 -13.17 -14.97
CA SER B 382 14.30 -12.46 -13.85
C SER B 382 14.99 -13.53 -13.03
N LEU B 383 14.23 -14.54 -12.64
CA LEU B 383 14.77 -15.71 -11.95
C LEU B 383 15.95 -16.32 -12.67
N GLU B 384 15.90 -16.41 -13.99
CA GLU B 384 16.93 -17.14 -14.77
C GLU B 384 18.22 -16.36 -14.93
N LEU B 385 18.13 -15.03 -14.97
CA LEU B 385 19.35 -14.21 -14.97
C LEU B 385 19.99 -14.27 -13.60
N ILE B 386 19.19 -14.14 -12.55
CA ILE B 386 19.66 -14.27 -11.17
C ILE B 386 20.33 -15.64 -11.01
N GLU B 387 19.78 -16.67 -11.69
CA GLU B 387 20.43 -17.99 -11.82
C GLU B 387 21.79 -18.02 -12.56
N GLY B 388 22.26 -16.89 -13.11
CA GLY B 388 23.56 -16.84 -13.80
C GLY B 388 23.56 -17.19 -15.29
N LYS B 389 22.42 -17.64 -15.80
CA LYS B 389 22.26 -18.01 -17.23
C LYS B 389 22.27 -16.79 -18.12
N GLU B 390 22.63 -16.98 -19.39
CA GLU B 390 22.51 -15.89 -20.36
C GLU B 390 21.18 -15.98 -21.14
N LEU B 391 20.57 -14.83 -21.35
CA LEU B 391 19.29 -14.72 -22.04
C LEU B 391 19.49 -14.48 -23.56
N PRO B 392 18.92 -15.34 -24.42
CA PRO B 392 19.14 -15.17 -25.86
C PRO B 392 18.58 -13.86 -26.42
N GLY B 393 17.45 -13.40 -25.88
CA GLY B 393 16.94 -12.10 -26.21
C GLY B 393 17.96 -10.99 -25.97
N VAL B 394 18.73 -11.12 -24.89
CA VAL B 394 19.74 -10.15 -24.54
C VAL B 394 21.01 -10.32 -25.37
N LYS B 395 21.46 -11.56 -25.49
CA LYS B 395 22.58 -11.91 -26.36
C LYS B 395 22.46 -11.32 -27.75
N ALA B 396 21.23 -11.29 -28.29
CA ALA B 396 20.98 -10.81 -29.67
C ALA B 396 21.10 -9.29 -29.84
N LEU B 397 21.21 -8.55 -28.75
CA LEU B 397 21.39 -7.09 -28.79
C LEU B 397 22.80 -6.63 -28.33
N ARG B 398 23.76 -7.55 -28.16
CA ARG B 398 25.16 -7.20 -27.88
C ARG B 398 25.86 -7.01 -29.23
N SER B 399 26.86 -6.13 -29.28
CA SER B 399 27.63 -5.90 -30.52
C SER B 399 28.71 -6.96 -30.72
#